data_4PAR
#
_entry.id   4PAR
#
_cell.length_a   54.826
_cell.length_b   144.704
_cell.length_c   105.033
_cell.angle_alpha   90.00
_cell.angle_beta   94.57
_cell.angle_gamma   90.00
#
_symmetry.space_group_name_H-M   'P 1 21 1'
#
loop_
_entity.id
_entity.type
_entity.pdbx_description
1 polymer 'DNA 18-MER'
2 polymer 'DNA 14-MER'
3 polymer 'Uncharacterized protein AbaSI'
4 non-polymer 1,2-ETHANEDIOL
#
loop_
_entity_poly.entity_id
_entity_poly.type
_entity_poly.pdbx_seq_one_letter_code
_entity_poly.pdbx_strand_id
1 'polydeoxyribonucleotide' (DT)(DG)(DC)(DT)(5HC)(DG)(DA)(DT)(DA)(DC)(DA)(DA)(DT)(DA)(DG)(DG)(DC)(DC) E,F
2 'polydeoxyribonucleotide' (DT)(DA)(DT)(DT)(DG)(DT)(DA)(DT)(DC)(DG)(DA)(DG)(DC)(DA) G,H
3 'polypeptide(L)'
;MSNKASSDLTDYVIRQLGRTKNKRYEAYVVSRIIHLLNDFTLKFVTQQFVRLSNKKIALTDLYFPQLGIHIEVDEGHHFL
RNSKMEYSLNQIDEPLYSISQTESDAMREEDIISITGHKIFRVNVFKNQEGQPQNLENIHQQIDKIIEEIKTAKNKLIEA
STFKEWNIETEYNPQTYIDLGRISLADNVVLKTTKDVCNCFGYSYKNYQRGGALHPYKKDTLIWFPRLYENKDWINTISP
DGLTITEKSTDETITLKKLEEWKNGPQKRIVFARVKDNLSSRAMYRFMGLYEFQKADLKDGAVWKRVKSEVQTYSPKETK
S
;
B,A,C,D
#
# COMPACT_ATOMS: atom_id res chain seq x y z
N ALA E 5 8.36 -13.12 41.17
CA ALA E 5 9.38 -12.50 42.02
C ALA E 5 9.91 -11.21 41.37
N SER E 6 11.17 -11.23 40.96
CA SER E 6 11.76 -10.08 40.28
C SER E 6 11.28 -10.03 38.83
N SER E 7 10.84 -11.19 38.35
CA SER E 7 10.32 -11.34 37.00
C SER E 7 9.13 -10.43 36.77
N ASP E 8 8.36 -10.17 37.83
CA ASP E 8 7.23 -9.27 37.75
C ASP E 8 7.70 -7.86 37.38
N LEU E 9 8.78 -7.43 38.04
CA LEU E 9 9.41 -6.16 37.70
C LEU E 9 9.82 -6.16 36.24
N THR E 10 10.51 -7.23 35.82
CA THR E 10 10.95 -7.32 34.42
C THR E 10 9.78 -7.12 33.44
N ASP E 11 8.76 -7.94 33.57
CA ASP E 11 7.56 -7.86 32.73
C ASP E 11 6.95 -6.45 32.74
N TYR E 12 6.82 -5.89 33.94
CA TYR E 12 6.21 -4.57 34.09
C TYR E 12 6.97 -3.50 33.31
N VAL E 13 8.29 -3.45 33.51
CA VAL E 13 9.14 -2.52 32.77
C VAL E 13 9.02 -2.71 31.25
N ILE E 14 9.18 -3.95 30.79
CA ILE E 14 9.05 -4.24 29.36
C ILE E 14 7.74 -3.72 28.80
N ARG E 15 6.65 -4.00 29.50
CA ARG E 15 5.33 -3.62 29.02
C ARG E 15 5.16 -2.10 29.00
N GLN E 16 5.71 -1.40 29.99
CA GLN E 16 5.59 0.05 30.02
C GLN E 16 6.38 0.68 28.87
N LEU E 17 7.50 0.07 28.48
CA LEU E 17 8.27 0.65 27.38
C LEU E 17 7.85 0.04 26.02
N GLY E 18 6.87 -0.84 26.06
CA GLY E 18 6.40 -1.50 24.86
C GLY E 18 5.02 -1.11 24.38
N ARG E 19 4.46 -0.01 24.90
CA ARG E 19 3.14 0.43 24.46
C ARG E 19 3.22 0.95 23.03
N THR E 20 2.11 0.82 22.29
CA THR E 20 1.99 1.52 21.02
C THR E 20 2.26 3.00 21.23
N LYS E 21 3.13 3.56 20.40
CA LYS E 21 3.64 4.91 20.64
C LYS E 21 2.72 5.99 20.08
N ASN E 22 2.53 7.05 20.86
CA ASN E 22 1.76 8.21 20.41
C ASN E 22 2.60 9.20 19.61
N LYS E 23 3.84 9.42 20.01
CA LYS E 23 4.71 10.37 19.33
C LYS E 23 5.93 9.70 18.69
N ARG E 24 6.50 10.35 17.68
CA ARG E 24 7.63 9.81 16.92
C ARG E 24 8.90 9.67 17.77
N TYR E 25 9.17 10.68 18.60
CA TYR E 25 10.37 10.71 19.43
C TYR E 25 10.15 10.23 20.87
N GLU E 26 8.94 9.74 21.16
CA GLU E 26 8.63 9.26 22.50
C GLU E 26 9.50 8.09 22.96
N ALA E 27 9.46 7.00 22.19
CA ALA E 27 10.16 5.74 22.54
C ALA E 27 11.63 5.95 22.88
N TYR E 28 12.30 6.70 22.02
CA TYR E 28 13.71 7.02 22.18
C TYR E 28 14.01 7.77 23.47
N VAL E 29 13.31 8.89 23.65
CA VAL E 29 13.55 9.78 24.78
C VAL E 29 13.25 9.11 26.12
N VAL E 30 12.09 8.46 26.20
CA VAL E 30 11.74 7.76 27.43
C VAL E 30 12.69 6.58 27.71
N SER E 31 13.00 5.78 26.69
CA SER E 31 13.91 4.64 26.91
C SER E 31 15.28 5.13 27.36
N ARG E 32 15.73 6.26 26.80
CA ARG E 32 17.04 6.75 27.19
C ARG E 32 17.01 7.29 28.62
N ILE E 33 15.92 7.97 28.98
CA ILE E 33 15.78 8.45 30.35
C ILE E 33 15.82 7.29 31.34
N ILE E 34 15.00 6.28 31.11
CA ILE E 34 14.95 5.11 32.00
C ILE E 34 16.29 4.41 32.11
N HIS E 35 16.90 4.12 30.96
CA HIS E 35 18.14 3.33 30.94
C HIS E 35 19.32 4.09 31.56
N LEU E 36 19.41 5.39 31.29
CA LEU E 36 20.49 6.20 31.84
C LEU E 36 20.30 6.44 33.33
N LEU E 37 19.05 6.66 33.74
CA LEU E 37 18.72 6.82 35.15
C LEU E 37 19.15 5.60 35.94
N ASN E 38 18.74 4.43 35.43
CA ASN E 38 19.16 3.14 35.96
C ASN E 38 18.80 2.93 37.43
N ASP E 39 17.76 3.61 37.89
CA ASP E 39 17.26 3.39 39.24
C ASP E 39 15.89 2.74 39.14
N PHE E 40 15.82 1.45 39.46
CA PHE E 40 14.58 0.71 39.39
C PHE E 40 13.90 0.56 40.76
N THR E 41 14.47 1.20 41.77
CA THR E 41 13.73 1.44 43.00
C THR E 41 12.65 2.52 42.76
N LEU E 42 12.73 3.17 41.59
CA LEU E 42 11.79 4.22 41.22
C LEU E 42 10.71 3.73 40.24
N LYS E 43 9.47 3.73 40.69
CA LYS E 43 8.37 3.35 39.82
C LYS E 43 8.13 4.44 38.79
N PHE E 44 7.89 4.03 37.55
CA PHE E 44 7.53 4.98 36.51
C PHE E 44 6.31 4.46 35.76
N VAL E 45 5.70 5.35 35.00
CA VAL E 45 4.53 4.99 34.21
C VAL E 45 4.62 5.71 32.87
N THR E 46 4.25 5.03 31.80
CA THR E 46 4.25 5.65 30.49
C THR E 46 2.84 5.90 30.00
N GLN E 47 2.66 7.00 29.27
CA GLN E 47 1.38 7.41 28.72
C GLN E 47 0.34 7.56 29.83
N GLN E 48 0.72 8.31 30.84
CA GLN E 48 -0.11 8.51 32.01
C GLN E 48 -1.21 9.54 31.75
N PHE E 49 -2.46 9.11 31.83
CA PHE E 49 -3.60 10.01 31.66
C PHE E 49 -3.69 10.96 32.84
N VAL E 50 -3.88 12.25 32.54
CA VAL E 50 -4.06 13.26 33.57
C VAL E 50 -5.23 14.15 33.21
N ARG E 51 -5.74 14.89 34.18
CA ARG E 51 -6.82 15.83 33.89
C ARG E 51 -6.36 17.27 34.03
N LEU E 52 -6.58 18.07 33.00
CA LEU E 52 -6.18 19.47 32.98
C LEU E 52 -7.18 20.35 33.74
N SER E 53 -6.88 21.64 33.86
CA SER E 53 -7.77 22.56 34.57
C SER E 53 -9.13 22.66 33.88
N ASN E 54 -9.13 22.52 32.56
CA ASN E 54 -10.32 22.76 31.74
C ASN E 54 -11.17 21.50 31.56
N LYS E 55 -10.76 20.45 32.26
CA LYS E 55 -11.47 19.16 32.35
C LYS E 55 -11.23 18.25 31.14
N LYS E 56 -10.50 18.74 30.14
CA LYS E 56 -10.09 17.86 29.05
C LYS E 56 -9.06 16.85 29.55
N ILE E 57 -9.08 15.65 28.98
CA ILE E 57 -8.15 14.61 29.39
C ILE E 57 -6.87 14.66 28.56
N ALA E 58 -5.74 14.70 29.25
CA ALA E 58 -4.43 14.77 28.61
C ALA E 58 -3.58 13.56 28.99
N LEU E 59 -2.34 13.51 28.53
CA LEU E 59 -1.42 12.49 28.99
C LEU E 59 0.02 12.96 28.98
N THR E 60 0.85 12.31 29.77
CA THR E 60 2.27 12.59 29.75
C THR E 60 3.05 11.33 29.40
N ASP E 61 4.23 11.52 28.83
CA ASP E 61 5.00 10.43 28.25
C ASP E 61 5.65 9.52 29.30
N LEU E 62 6.32 10.12 30.28
CA LEU E 62 6.90 9.35 31.37
C LEU E 62 6.50 9.96 32.72
N TYR E 63 6.01 9.14 33.65
CA TYR E 63 5.57 9.65 34.94
C TYR E 63 6.12 8.87 36.14
N PHE E 64 6.87 9.55 36.99
CA PHE E 64 7.30 9.00 38.27
C PHE E 64 6.37 9.46 39.39
N PRO E 65 5.52 8.54 39.87
CA PRO E 65 4.52 8.83 40.91
C PRO E 65 5.13 9.22 42.24
N GLN E 66 6.16 8.48 42.65
CA GLN E 66 6.82 8.72 43.93
C GLN E 66 7.35 10.14 44.04
N LEU E 67 7.84 10.67 42.94
CA LEU E 67 8.42 12.01 42.93
C LEU E 67 7.46 13.08 42.41
N GLY E 68 6.29 12.64 41.95
CA GLY E 68 5.35 13.54 41.32
C GLY E 68 5.95 14.26 40.13
N ILE E 69 6.68 13.54 39.27
CA ILE E 69 7.34 14.17 38.13
C ILE E 69 6.90 13.61 36.78
N HIS E 70 6.60 14.49 35.84
CA HIS E 70 6.27 14.09 34.47
C HIS E 70 7.30 14.57 33.48
N ILE E 71 7.43 13.84 32.39
CA ILE E 71 8.32 14.16 31.30
C ILE E 71 7.55 14.02 30.00
N GLU E 72 7.60 15.07 29.18
CA GLU E 72 6.78 15.18 27.99
C GLU E 72 7.62 15.55 26.76
N VAL E 73 7.42 14.80 25.67
CA VAL E 73 8.13 15.09 24.43
C VAL E 73 7.38 16.13 23.63
N ASP E 74 8.07 17.18 23.22
CA ASP E 74 7.45 18.22 22.42
C ASP E 74 7.86 18.06 20.95
N GLU E 75 6.95 17.54 20.15
CA GLU E 75 7.18 17.41 18.71
C GLU E 75 6.46 18.48 17.90
N GLY E 76 5.70 19.31 18.59
CA GLY E 76 4.78 20.18 17.88
C GLY E 76 3.65 19.31 17.35
N HIS E 77 2.86 19.85 16.43
CA HIS E 77 1.67 19.14 15.96
C HIS E 77 1.97 18.06 14.93
N HIS E 78 2.92 18.34 14.04
CA HIS E 78 3.03 17.64 12.76
C HIS E 78 3.01 16.11 12.84
N PHE E 79 4.05 15.51 13.41
CA PHE E 79 4.19 14.06 13.37
C PHE E 79 3.56 13.39 14.58
N LEU E 80 2.44 12.71 14.36
CA LEU E 80 1.74 11.99 15.42
C LEU E 80 1.19 10.67 14.89
N ARG E 81 1.51 9.58 15.58
CA ARG E 81 0.98 8.27 15.21
C ARG E 81 -0.52 8.24 15.46
N ASN E 82 -0.93 8.86 16.56
CA ASN E 82 -2.33 9.06 16.86
C ASN E 82 -2.79 10.42 16.35
N SER E 83 -3.72 10.42 15.41
CA SER E 83 -4.37 11.65 14.97
C SER E 83 -5.51 11.96 15.93
N LYS E 84 -5.59 11.13 16.95
CA LYS E 84 -6.60 11.21 17.99
C LYS E 84 -6.20 12.22 19.08
N MET E 85 -5.06 12.89 18.88
CA MET E 85 -4.60 13.88 19.85
C MET E 85 -4.70 15.29 19.29
N GLU E 86 -4.36 16.28 20.11
CA GLU E 86 -4.42 17.68 19.73
C GLU E 86 -3.42 18.51 20.51
N TYR E 87 -2.88 19.54 19.86
CA TYR E 87 -1.73 20.27 20.38
C TYR E 87 -2.12 21.68 20.79
N SER E 88 -2.11 21.95 22.08
CA SER E 88 -2.57 23.23 22.61
C SER E 88 -1.73 23.68 23.80
N LEU E 89 -1.87 24.95 24.16
CA LEU E 89 -1.17 25.47 25.33
C LEU E 89 -2.12 25.52 26.53
N ASN E 90 -1.55 25.29 27.71
CA ASN E 90 -2.30 25.23 28.96
C ASN E 90 -1.49 25.83 30.09
N GLN E 91 -1.90 25.57 31.32
CA GLN E 91 -1.14 25.99 32.50
C GLN E 91 0.30 25.47 32.45
N ILE E 92 1.20 26.25 33.05
CA ILE E 92 2.64 25.98 32.98
C ILE E 92 3.01 24.55 33.39
N ASP E 93 2.33 24.02 34.39
CA ASP E 93 2.64 22.70 34.92
C ASP E 93 1.84 21.58 34.23
N GLU E 94 1.13 21.92 33.16
CA GLU E 94 0.27 20.95 32.49
C GLU E 94 0.80 20.61 31.10
N PRO E 95 0.52 19.38 30.62
CA PRO E 95 1.05 18.93 29.32
C PRO E 95 0.48 19.70 28.13
N LEU E 96 1.16 19.60 27.00
CA LEU E 96 0.76 20.31 25.79
C LEU E 96 -0.13 19.45 24.89
N TYR E 97 -0.24 18.17 25.21
CA TYR E 97 -0.95 17.24 24.33
C TYR E 97 -2.24 16.75 24.97
N SER E 98 -3.33 16.88 24.24
CA SER E 98 -4.66 16.58 24.77
C SER E 98 -5.40 15.57 23.92
N ILE E 99 -6.42 14.95 24.51
CA ILE E 99 -7.31 14.06 23.78
C ILE E 99 -8.58 14.83 23.42
N SER E 100 -9.12 14.58 22.23
CA SER E 100 -10.40 15.18 21.88
C SER E 100 -11.49 14.63 22.79
N GLN E 101 -12.39 15.50 23.23
CA GLN E 101 -13.41 15.12 24.20
C GLN E 101 -14.32 14.00 23.70
N THR E 102 -14.36 13.82 22.38
CA THR E 102 -15.20 12.79 21.77
C THR E 102 -14.77 11.40 22.22
N GLU E 103 -13.47 11.17 22.22
CA GLU E 103 -12.91 9.90 22.66
C GLU E 103 -12.41 9.95 24.10
N SER E 104 -12.52 11.13 24.72
CA SER E 104 -12.25 11.26 26.15
C SER E 104 -13.45 10.70 26.91
N ASP E 105 -14.55 10.53 26.19
CA ASP E 105 -15.77 9.97 26.74
C ASP E 105 -15.71 8.44 26.79
N ALA E 106 -14.84 7.85 25.98
CA ALA E 106 -14.63 6.41 26.04
C ALA E 106 -13.47 6.09 26.98
N MET E 107 -12.75 7.14 27.37
CA MET E 107 -11.59 7.00 28.24
C MET E 107 -11.93 7.25 29.71
N ARG E 108 -13.22 7.41 29.98
CA ARG E 108 -13.70 7.64 31.35
C ARG E 108 -13.19 6.63 32.38
N GLU E 109 -13.33 5.35 32.06
CA GLU E 109 -12.97 4.28 32.99
C GLU E 109 -11.47 4.18 33.24
N GLU E 110 -10.69 4.87 32.41
CA GLU E 110 -9.23 4.83 32.50
C GLU E 110 -8.76 5.51 33.77
N ASP E 111 -7.50 5.29 34.13
CA ASP E 111 -7.00 5.83 35.39
C ASP E 111 -6.44 7.22 35.17
N ILE E 112 -7.19 8.21 35.64
CA ILE E 112 -6.89 9.60 35.32
C ILE E 112 -6.58 10.34 36.61
N ILE E 113 -5.40 10.91 36.70
CA ILE E 113 -4.96 11.50 37.94
C ILE E 113 -4.85 13.03 37.92
N SER E 114 -4.51 13.61 39.06
CA SER E 114 -4.42 15.05 39.22
C SER E 114 -2.95 15.48 39.27
N ILE E 115 -2.61 16.46 38.43
CA ILE E 115 -1.23 16.93 38.27
C ILE E 115 -0.86 18.18 39.06
N THR E 116 -1.79 18.67 39.89
CA THR E 116 -1.68 20.01 40.45
C THR E 116 -0.32 20.31 41.08
N GLY E 117 0.13 19.47 41.99
CA GLY E 117 1.40 19.71 42.67
C GLY E 117 2.59 19.26 41.85
N HIS E 118 2.32 18.51 40.79
CA HIS E 118 3.38 17.87 40.02
C HIS E 118 4.12 18.84 39.11
N LYS E 119 5.37 18.49 38.78
CA LYS E 119 6.19 19.25 37.86
C LYS E 119 6.28 18.53 36.52
N ILE E 120 6.36 19.29 35.43
CA ILE E 120 6.53 18.68 34.11
C ILE E 120 7.74 19.24 33.40
N PHE E 121 8.63 18.35 32.99
CA PHE E 121 9.78 18.72 32.17
C PHE E 121 9.49 18.40 30.71
N ARG E 122 9.92 19.28 29.81
CA ARG E 122 9.71 19.05 28.39
C ARG E 122 11.03 18.73 27.68
N VAL E 123 10.93 17.93 26.64
CA VAL E 123 12.08 17.67 25.78
C VAL E 123 11.78 18.18 24.38
N ASN E 124 12.60 19.11 23.89
CA ASN E 124 12.33 19.70 22.59
C ASN E 124 13.18 19.08 21.50
N VAL E 125 12.52 18.36 20.60
CA VAL E 125 13.21 17.57 19.60
C VAL E 125 13.31 18.29 18.27
N PHE E 126 12.76 19.49 18.19
CA PHE E 126 12.75 20.20 16.90
C PHE E 126 13.31 21.61 16.99
N LYS E 127 14.43 21.81 16.29
CA LYS E 127 14.96 23.14 16.10
C LYS E 127 14.32 23.72 14.85
N ASN E 128 13.57 24.80 15.02
CA ASN E 128 12.85 25.42 13.92
C ASN E 128 11.95 24.44 13.17
N GLN E 129 11.06 23.77 13.90
CA GLN E 129 9.97 23.02 13.30
C GLN E 129 9.06 24.02 12.60
N GLU E 130 8.35 23.61 11.53
CA GLU E 130 8.32 22.26 11.00
C GLU E 130 9.61 21.87 10.28
N GLY E 131 9.79 20.57 10.05
CA GLY E 131 11.04 20.07 9.51
C GLY E 131 12.13 19.70 10.50
N GLN E 132 13.37 20.08 10.17
CA GLN E 132 14.58 19.47 10.71
C GLN E 132 14.59 19.24 12.21
N PRO E 133 14.92 18.01 12.62
CA PRO E 133 15.11 17.63 14.02
C PRO E 133 16.44 18.16 14.57
N GLN E 134 16.51 18.33 15.88
CA GLN E 134 17.72 18.82 16.53
C GLN E 134 18.79 17.73 16.56
N ASN E 135 20.04 18.14 16.72
CA ASN E 135 21.13 17.19 16.84
C ASN E 135 21.01 16.41 18.15
N LEU E 136 21.52 15.19 18.16
CA LEU E 136 21.38 14.30 19.30
C LEU E 136 22.11 14.82 20.54
N GLU E 137 23.08 15.71 20.33
CA GLU E 137 23.88 16.23 21.43
C GLU E 137 22.99 17.06 22.35
N ASN E 138 22.15 17.91 21.74
CA ASN E 138 21.22 18.74 22.49
C ASN E 138 20.16 17.93 23.22
N ILE E 139 19.58 16.97 22.52
CA ILE E 139 18.55 16.11 23.11
C ILE E 139 19.12 15.35 24.30
N HIS E 140 20.32 14.82 24.14
CA HIS E 140 21.01 14.13 25.21
C HIS E 140 21.30 15.08 26.38
N GLN E 141 21.58 16.35 26.08
CA GLN E 141 21.78 17.33 27.14
C GLN E 141 20.51 17.52 27.97
N GLN E 142 19.39 17.77 27.29
CA GLN E 142 18.11 17.91 27.96
C GLN E 142 17.78 16.68 28.81
N ILE E 143 18.02 15.51 28.24
CA ILE E 143 17.73 14.26 28.94
C ILE E 143 18.61 14.13 30.18
N ASP E 144 19.86 14.56 30.09
CA ASP E 144 20.75 14.46 31.24
C ASP E 144 20.33 15.41 32.36
N LYS E 145 20.02 16.66 32.00
CA LYS E 145 19.57 17.62 33.02
C LYS E 145 18.30 17.11 33.69
N ILE E 146 17.40 16.55 32.91
CA ILE E 146 16.19 15.96 33.48
C ILE E 146 16.54 14.85 34.46
N ILE E 147 17.42 13.95 34.03
CA ILE E 147 17.81 12.79 34.84
C ILE E 147 18.37 13.21 36.19
N GLU E 148 19.24 14.23 36.20
CA GLU E 148 19.79 14.68 37.47
C GLU E 148 18.75 15.45 38.29
N GLU E 149 17.77 16.06 37.63
CA GLU E 149 16.66 16.68 38.35
C GLU E 149 15.90 15.61 39.13
N ILE E 150 15.61 14.51 38.45
CA ILE E 150 14.97 13.35 39.06
C ILE E 150 15.78 12.84 40.25
N LYS E 151 17.09 12.63 40.04
CA LYS E 151 17.94 12.14 41.12
C LYS E 151 17.90 13.07 42.35
N THR E 152 17.99 14.38 42.14
CA THR E 152 17.96 15.30 43.28
C THR E 152 16.58 15.27 43.95
N ALA E 153 15.54 15.01 43.16
CA ALA E 153 14.20 14.86 43.73
C ALA E 153 14.16 13.69 44.71
N LYS E 154 14.63 12.54 44.23
CA LYS E 154 14.68 11.34 45.06
C LYS E 154 15.52 11.56 46.33
N ASN E 155 16.68 12.18 46.18
CA ASN E 155 17.53 12.43 47.35
C ASN E 155 16.85 13.36 48.35
N LYS E 156 16.12 14.34 47.83
CA LYS E 156 15.37 15.26 48.68
C LYS E 156 14.32 14.50 49.49
N LEU E 157 13.61 13.59 48.83
CA LEU E 157 12.60 12.80 49.53
C LEU E 157 13.19 11.79 50.53
N ILE E 158 14.31 11.17 50.22
CA ILE E 158 14.92 10.23 51.17
C ILE E 158 15.47 10.99 52.37
N GLU E 159 15.92 12.22 52.13
CA GLU E 159 16.47 13.04 53.20
C GLU E 159 15.34 13.46 54.14
N ALA E 160 14.14 13.60 53.57
CA ALA E 160 12.95 13.90 54.35
C ALA E 160 12.29 12.62 54.87
N SER E 161 12.87 11.48 54.50
CA SER E 161 12.38 10.16 54.89
C SER E 161 10.91 9.96 54.49
N THR E 162 10.49 10.63 53.42
CA THR E 162 9.15 10.49 52.88
C THR E 162 9.15 9.50 51.71
N PHE E 163 10.32 8.95 51.40
CA PHE E 163 10.48 8.08 50.24
C PHE E 163 10.40 6.60 50.59
N LYS E 164 9.39 5.94 50.07
CA LYS E 164 9.20 4.51 50.28
C LYS E 164 9.58 3.75 49.02
N GLU E 165 10.54 2.83 49.14
CA GLU E 165 11.04 2.12 47.97
C GLU E 165 9.95 1.29 47.33
N TRP E 166 10.11 1.00 46.05
CA TRP E 166 9.09 0.35 45.28
C TRP E 166 9.23 -1.17 45.30
N ASN E 167 8.20 -1.84 45.79
CA ASN E 167 8.19 -3.31 45.74
C ASN E 167 6.91 -3.86 45.13
N ILE E 168 7.05 -4.52 43.98
CA ILE E 168 5.93 -5.14 43.27
C ILE E 168 5.09 -6.03 44.18
N GLU E 169 5.77 -6.88 44.94
CA GLU E 169 5.09 -7.92 45.72
C GLU E 169 4.26 -7.36 46.86
N THR E 170 4.78 -6.33 47.52
CA THR E 170 4.13 -5.81 48.71
C THR E 170 3.12 -4.67 48.45
N GLU E 171 3.14 -4.09 47.25
CA GLU E 171 2.39 -2.84 47.03
C GLU E 171 0.88 -3.04 46.89
N TYR E 172 0.45 -4.22 46.45
CA TYR E 172 -0.97 -4.50 46.33
C TYR E 172 -1.51 -5.28 47.53
N ASN E 173 -0.63 -5.50 48.52
CA ASN E 173 -1.00 -6.27 49.71
C ASN E 173 -1.45 -5.37 50.86
N PRO E 174 -2.72 -5.51 51.29
CA PRO E 174 -3.33 -4.76 52.39
C PRO E 174 -2.49 -4.75 53.67
N GLN E 175 -1.85 -5.87 53.97
CA GLN E 175 -1.10 -6.03 55.20
C GLN E 175 0.05 -5.04 55.30
N THR E 176 0.59 -4.63 54.16
CA THR E 176 1.73 -3.72 54.14
C THR E 176 1.30 -2.32 54.56
N TYR E 177 0.07 -1.95 54.22
CA TYR E 177 -0.47 -0.66 54.62
C TYR E 177 -0.96 -0.71 56.07
N ILE E 178 -1.53 -1.84 56.46
CA ILE E 178 -1.87 -2.06 57.87
C ILE E 178 -0.62 -1.88 58.75
N ASP E 179 0.50 -2.46 58.31
CA ASP E 179 1.77 -2.32 59.00
C ASP E 179 2.31 -0.89 58.93
N LEU E 180 2.13 -0.27 57.78
CA LEU E 180 2.59 1.10 57.58
C LEU E 180 1.81 2.04 58.51
N GLY E 181 0.53 1.73 58.69
CA GLY E 181 -0.30 2.47 59.62
C GLY E 181 -1.25 3.46 58.98
N ARG E 182 -0.99 3.81 57.73
CA ARG E 182 -1.84 4.77 57.03
C ARG E 182 -1.89 4.47 55.54
N ILE E 183 -3.04 4.69 54.93
CA ILE E 183 -3.12 4.77 53.48
C ILE E 183 -3.09 6.23 53.09
N SER E 184 -2.05 6.60 52.35
CA SER E 184 -1.78 8.00 52.02
C SER E 184 -1.96 8.28 50.53
N LEU E 185 -2.38 9.50 50.24
CA LEU E 185 -2.55 9.95 48.86
C LEU E 185 -1.20 10.07 48.16
N ALA E 186 -0.16 10.32 48.96
CA ALA E 186 1.16 10.59 48.42
C ALA E 186 1.94 9.31 48.15
N ASP E 187 1.45 8.20 48.69
CA ASP E 187 2.08 6.91 48.45
C ASP E 187 1.47 6.22 47.23
N ASN E 188 0.55 6.91 46.56
CA ASN E 188 -0.05 6.44 45.32
C ASN E 188 -0.63 5.04 45.48
N VAL E 189 -1.65 4.93 46.32
CA VAL E 189 -2.17 3.63 46.73
C VAL E 189 -3.31 3.17 45.81
N VAL E 190 -3.11 2.01 45.19
CA VAL E 190 -4.13 1.38 44.36
C VAL E 190 -4.19 -0.12 44.68
N LEU E 191 -5.39 -0.61 44.97
CA LEU E 191 -5.58 -2.01 45.38
C LEU E 191 -6.42 -2.78 44.37
N LYS E 192 -6.19 -4.08 44.29
CA LYS E 192 -6.72 -4.89 43.20
C LYS E 192 -8.24 -5.06 43.25
N THR E 193 -8.82 -5.02 44.45
CA THR E 193 -10.25 -5.30 44.59
C THR E 193 -10.87 -4.67 45.83
N THR E 194 -12.19 -4.60 45.85
CA THR E 194 -12.92 -3.97 46.94
C THR E 194 -12.72 -4.69 48.26
N LYS E 195 -12.60 -6.02 48.20
CA LYS E 195 -12.42 -6.80 49.43
C LYS E 195 -11.11 -6.41 50.12
N ASP E 196 -10.11 -5.98 49.34
CA ASP E 196 -8.80 -5.69 49.91
C ASP E 196 -8.84 -4.38 50.69
N VAL E 197 -9.40 -3.35 50.07
CA VAL E 197 -9.54 -2.06 50.73
C VAL E 197 -10.42 -2.22 51.96
N CYS E 198 -11.49 -3.00 51.85
CA CYS E 198 -12.28 -3.34 53.04
C CYS E 198 -11.41 -3.96 54.13
N ASN E 199 -10.57 -4.91 53.73
CA ASN E 199 -9.68 -5.64 54.65
C ASN E 199 -8.55 -4.79 55.23
N CYS E 200 -8.38 -3.57 54.71
CA CYS E 200 -7.44 -2.62 55.31
C CYS E 200 -8.03 -1.98 56.56
N PHE E 201 -9.34 -1.82 56.57
CA PHE E 201 -10.05 -1.13 57.64
C PHE E 201 -10.68 -2.03 58.71
N GLY E 202 -10.37 -3.32 58.68
CA GLY E 202 -10.85 -4.24 59.70
C GLY E 202 -11.85 -5.32 59.30
N TYR E 203 -12.29 -5.29 58.05
CA TYR E 203 -13.12 -6.38 57.52
C TYR E 203 -12.29 -7.62 57.20
N SER E 204 -12.93 -8.79 57.27
CA SER E 204 -12.37 -10.00 56.70
C SER E 204 -13.36 -10.59 55.70
N TYR E 205 -12.99 -10.53 54.41
CA TYR E 205 -13.93 -10.84 53.32
C TYR E 205 -13.32 -11.77 52.28
N LYS E 206 -14.11 -12.75 51.83
CA LYS E 206 -13.71 -13.60 50.72
C LYS E 206 -13.74 -12.79 49.42
N ASN E 207 -14.71 -11.88 49.34
CA ASN E 207 -14.87 -10.95 48.23
C ASN E 207 -16.03 -10.02 48.55
N TYR E 208 -16.12 -8.88 47.85
CA TYR E 208 -17.14 -7.90 48.15
C TYR E 208 -17.85 -7.38 46.91
N GLN E 209 -19.19 -7.41 46.94
CA GLN E 209 -20.04 -6.92 45.86
C GLN E 209 -20.35 -5.41 45.87
N ARG E 210 -20.61 -4.86 47.06
CA ARG E 210 -21.32 -3.58 47.18
C ARG E 210 -20.59 -2.34 46.70
N GLY E 211 -21.36 -1.29 46.45
CA GLY E 211 -20.81 -0.01 46.03
C GLY E 211 -20.36 0.84 47.21
N GLY E 212 -20.63 0.35 48.41
CA GLY E 212 -20.11 0.98 49.62
C GLY E 212 -20.24 0.07 50.82
N ALA E 213 -19.35 0.27 51.80
CA ALA E 213 -19.31 -0.57 52.97
C ALA E 213 -19.08 0.28 54.21
N LEU E 214 -19.79 -0.05 55.29
CA LEU E 214 -19.68 0.72 56.52
C LEU E 214 -18.31 0.52 57.17
N HIS E 215 -17.66 1.62 57.54
CA HIS E 215 -16.39 1.57 58.25
C HIS E 215 -16.57 1.02 59.66
N PRO E 216 -15.93 -0.12 59.96
CA PRO E 216 -16.10 -0.83 61.23
C PRO E 216 -15.86 0.02 62.48
N TYR E 217 -14.76 0.78 62.50
CA TYR E 217 -14.37 1.48 63.73
C TYR E 217 -14.79 2.94 63.77
N LYS E 218 -15.46 3.40 62.72
CA LYS E 218 -16.05 4.75 62.71
C LYS E 218 -17.47 4.72 62.16
N LYS E 219 -18.43 5.12 62.98
CA LYS E 219 -19.83 5.06 62.60
C LYS E 219 -20.23 6.19 61.65
N ASP E 220 -19.44 7.26 61.66
CA ASP E 220 -19.77 8.42 60.84
C ASP E 220 -19.06 8.38 59.49
N THR E 221 -18.26 7.34 59.28
CA THR E 221 -17.49 7.21 58.06
C THR E 221 -17.98 6.02 57.22
N LEU E 222 -18.02 6.22 55.90
CA LEU E 222 -18.42 5.18 54.96
C LEU E 222 -17.32 4.96 53.93
N ILE E 223 -16.97 3.70 53.71
CA ILE E 223 -16.00 3.38 52.66
C ILE E 223 -16.73 3.31 51.31
N TRP E 224 -16.27 4.11 50.35
CA TRP E 224 -17.00 4.30 49.11
C TRP E 224 -16.20 3.86 47.89
N PHE E 225 -16.85 3.19 46.94
CA PHE E 225 -16.16 2.71 45.74
C PHE E 225 -16.81 3.20 44.45
N PRO E 226 -16.88 4.53 44.29
CA PRO E 226 -17.64 5.06 43.16
C PRO E 226 -16.90 4.97 41.83
N ARG E 227 -17.66 5.04 40.74
CA ARG E 227 -17.12 5.43 39.45
C ARG E 227 -17.22 6.94 39.35
N LEU E 228 -16.08 7.62 39.22
CA LEU E 228 -16.05 9.08 39.31
C LEU E 228 -16.44 9.73 37.99
N TYR E 229 -16.90 8.90 37.06
CA TYR E 229 -17.46 9.38 35.81
C TYR E 229 -18.95 9.11 35.73
N GLU E 230 -19.54 9.41 34.58
CA GLU E 230 -20.95 9.13 34.33
C GLU E 230 -21.14 7.70 33.85
N ASN E 231 -22.04 6.98 34.50
CA ASN E 231 -22.44 5.65 34.05
C ASN E 231 -23.97 5.58 33.96
N LYS E 232 -24.50 4.39 33.74
CA LYS E 232 -25.94 4.22 33.57
C LYS E 232 -26.73 4.71 34.79
N ASP E 233 -26.30 4.29 35.98
CA ASP E 233 -27.00 4.63 37.21
C ASP E 233 -26.67 6.02 37.78
N TRP E 234 -25.39 6.38 37.79
CA TRP E 234 -24.96 7.59 38.49
C TRP E 234 -24.19 8.56 37.60
N ILE E 235 -24.38 9.86 37.84
CA ILE E 235 -23.52 10.86 37.23
C ILE E 235 -22.62 11.48 38.29
N ASN E 236 -21.35 11.09 38.26
CA ASN E 236 -20.39 11.55 39.24
C ASN E 236 -19.25 12.29 38.58
N THR E 237 -18.71 13.30 39.25
CA THR E 237 -17.52 13.96 38.73
C THR E 237 -16.54 14.27 39.86
N ILE E 238 -15.29 14.54 39.49
CA ILE E 238 -14.28 15.00 40.42
C ILE E 238 -13.42 16.07 39.77
N SER E 239 -13.19 17.16 40.50
CA SER E 239 -12.43 18.28 39.97
C SER E 239 -10.98 17.91 39.73
N PRO E 240 -10.33 18.60 38.77
CA PRO E 240 -8.90 18.47 38.52
C PRO E 240 -8.05 18.62 39.79
N ASP E 241 -8.50 19.45 40.73
CA ASP E 241 -7.76 19.66 41.97
C ASP E 241 -7.78 18.40 42.84
N GLY E 242 -8.78 17.56 42.62
CA GLY E 242 -9.02 16.40 43.47
C GLY E 242 -9.84 16.73 44.72
N LEU E 243 -10.13 18.01 44.92
CA LEU E 243 -10.80 18.49 46.14
C LEU E 243 -12.33 18.32 46.15
N THR E 244 -12.96 18.37 44.97
CA THR E 244 -14.41 18.45 44.90
C THR E 244 -15.04 17.33 44.10
N ILE E 245 -15.83 16.50 44.78
CA ILE E 245 -16.58 15.42 44.13
C ILE E 245 -18.07 15.73 44.09
N THR E 246 -18.72 15.50 42.95
CA THR E 246 -20.16 15.68 42.88
C THR E 246 -20.85 14.36 42.54
N GLU E 247 -21.96 14.10 43.22
CA GLU E 247 -22.69 12.85 43.11
C GLU E 247 -24.16 13.08 42.77
N LYS E 248 -24.56 12.65 41.58
CA LYS E 248 -25.94 12.85 41.15
C LYS E 248 -26.45 11.57 40.50
N SER E 249 -27.71 11.57 40.11
CA SER E 249 -28.34 10.38 39.55
C SER E 249 -28.89 10.69 38.16
N THR E 250 -28.80 9.72 37.26
CA THR E 250 -29.35 9.87 35.92
C THR E 250 -30.87 10.10 35.98
N ASP E 251 -31.51 9.57 37.02
CA ASP E 251 -32.92 9.88 37.31
C ASP E 251 -33.00 10.90 38.44
N GLU E 252 -33.76 11.97 38.23
CA GLU E 252 -33.83 13.07 39.20
C GLU E 252 -34.58 12.66 40.47
N THR E 253 -35.57 11.78 40.33
CA THR E 253 -36.34 11.31 41.47
C THR E 253 -35.42 10.63 42.49
N ILE E 254 -34.51 9.79 42.00
CA ILE E 254 -33.57 9.09 42.85
C ILE E 254 -32.71 10.10 43.61
N THR E 255 -32.34 11.20 42.95
CA THR E 255 -31.56 12.27 43.59
C THR E 255 -32.35 12.89 44.74
N LEU E 256 -33.57 13.31 44.42
CA LEU E 256 -34.47 13.93 45.39
C LEU E 256 -34.63 13.05 46.62
N LYS E 257 -34.73 11.75 46.41
CA LYS E 257 -34.90 10.83 47.53
C LYS E 257 -33.57 10.45 48.18
N LYS E 258 -32.47 10.77 47.52
CA LYS E 258 -31.15 10.56 48.09
C LYS E 258 -30.77 11.72 49.01
N LEU E 259 -31.47 12.85 48.86
CA LEU E 259 -31.18 14.02 49.70
C LEU E 259 -31.22 13.69 51.20
N GLU E 260 -32.30 13.03 51.61
CA GLU E 260 -32.51 12.66 53.00
C GLU E 260 -31.43 11.70 53.50
N GLU E 261 -31.13 10.69 52.68
CA GLU E 261 -30.09 9.73 53.02
C GLU E 261 -28.76 10.45 53.24
N TRP E 262 -28.45 11.38 52.35
CA TRP E 262 -27.17 12.08 52.39
C TRP E 262 -27.05 12.97 53.62
N LYS E 263 -28.11 13.72 53.91
CA LYS E 263 -28.05 14.64 55.04
C LYS E 263 -28.08 13.89 56.39
N ASN E 264 -28.83 12.79 56.45
CA ASN E 264 -28.98 12.05 57.70
C ASN E 264 -28.02 10.87 57.86
N GLY E 265 -27.22 10.60 56.83
CA GLY E 265 -26.32 9.45 56.87
C GLY E 265 -24.97 9.82 57.43
N PRO E 266 -23.96 8.95 57.19
CA PRO E 266 -22.58 9.26 57.57
C PRO E 266 -22.05 10.45 56.79
N GLN E 267 -21.43 11.40 57.48
CA GLN E 267 -21.00 12.66 56.87
C GLN E 267 -19.61 12.57 56.24
N LYS E 268 -18.89 11.49 56.54
CA LYS E 268 -17.55 11.31 56.01
C LYS E 268 -17.47 10.07 55.13
N ARG E 269 -16.74 10.17 54.02
CA ARG E 269 -16.55 9.05 53.13
C ARG E 269 -15.07 8.90 52.80
N ILE E 270 -14.56 7.67 52.93
CA ILE E 270 -13.22 7.32 52.47
C ILE E 270 -13.32 6.78 51.05
N VAL E 271 -12.75 7.50 50.09
CA VAL E 271 -13.03 7.16 48.69
C VAL E 271 -11.94 6.36 47.99
N PHE E 272 -12.32 5.20 47.48
CA PHE E 272 -11.50 4.43 46.55
C PHE E 272 -12.20 4.37 45.19
N ALA E 273 -11.66 5.09 44.21
CA ALA E 273 -12.32 5.20 42.91
C ALA E 273 -11.99 4.02 42.02
N ARG E 274 -12.97 3.55 41.25
CA ARG E 274 -12.73 2.45 40.33
C ARG E 274 -12.06 2.94 39.06
N VAL E 275 -10.85 2.42 38.81
CA VAL E 275 -10.11 2.81 37.63
C VAL E 275 -9.58 1.58 36.90
N LYS E 276 -9.44 1.69 35.58
CA LYS E 276 -8.85 0.61 34.81
C LYS E 276 -7.34 0.62 35.00
N ASP E 277 -6.76 -0.55 35.25
CA ASP E 277 -5.31 -0.68 35.30
C ASP E 277 -4.74 -0.29 33.93
N ASN E 278 -3.76 0.62 33.94
CA ASN E 278 -3.19 1.16 32.70
C ASN E 278 -2.57 0.06 31.83
N LEU E 279 -1.97 -0.94 32.48
CA LEU E 279 -1.70 -2.23 31.86
C LEU E 279 -2.79 -3.23 32.24
N SER E 280 -3.21 -4.10 31.32
CA SER E 280 -4.08 -5.26 31.63
C SER E 280 -5.59 -4.90 31.74
N SER E 281 -5.96 -3.64 31.53
CA SER E 281 -7.38 -3.21 31.37
C SER E 281 -8.33 -3.79 32.44
N ARG E 282 -7.88 -3.79 33.68
CA ARG E 282 -8.61 -4.48 34.76
C ARG E 282 -9.09 -3.55 35.87
N ALA E 283 -10.10 -4.01 36.60
CA ALA E 283 -10.66 -3.23 37.71
C ALA E 283 -9.60 -3.01 38.77
N MET E 284 -9.46 -1.77 39.21
CA MET E 284 -8.57 -1.40 40.30
C MET E 284 -9.25 -0.30 41.07
N TYR E 285 -8.80 -0.05 42.30
CA TYR E 285 -9.41 0.97 43.13
C TYR E 285 -8.35 1.84 43.78
N ARG E 286 -8.37 3.13 43.42
CA ARG E 286 -7.34 4.08 43.83
C ARG E 286 -7.83 4.96 44.97
N PHE E 287 -6.95 5.25 45.92
CA PHE E 287 -7.33 6.04 47.08
C PHE E 287 -7.36 7.53 46.73
N MET E 288 -8.55 8.11 46.82
CA MET E 288 -8.75 9.52 46.48
C MET E 288 -8.80 10.44 47.69
N GLY E 289 -8.72 9.87 48.89
CA GLY E 289 -8.79 10.67 50.10
C GLY E 289 -10.05 10.56 50.94
N LEU E 290 -10.01 11.26 52.07
CA LEU E 290 -11.14 11.36 52.97
C LEU E 290 -11.91 12.65 52.71
N TYR E 291 -13.16 12.48 52.30
CA TYR E 291 -14.05 13.57 51.94
C TYR E 291 -15.17 13.73 52.97
N GLU E 292 -15.65 14.95 53.12
CA GLU E 292 -16.72 15.26 54.07
C GLU E 292 -17.90 15.84 53.30
N PHE E 293 -19.12 15.43 53.68
CA PHE E 293 -20.32 15.97 53.05
C PHE E 293 -20.41 17.47 53.28
N GLN E 294 -20.89 18.19 52.28
CA GLN E 294 -21.03 19.65 52.39
C GLN E 294 -22.48 20.08 52.25
N LYS E 295 -23.05 19.88 51.07
CA LYS E 295 -24.43 20.25 50.81
C LYS E 295 -25.06 19.36 49.75
N ALA E 296 -26.36 19.14 49.85
CA ALA E 296 -27.07 18.40 48.82
C ALA E 296 -28.05 19.30 48.10
N ASP E 297 -27.69 19.69 46.89
CA ASP E 297 -28.59 20.42 46.02
C ASP E 297 -29.50 19.42 45.33
N LEU E 298 -30.66 19.88 44.89
CA LEU E 298 -31.49 19.05 44.01
C LEU E 298 -30.96 19.11 42.58
N LYS E 299 -30.48 20.29 42.19
CA LYS E 299 -29.95 20.51 40.85
C LYS E 299 -28.59 19.86 40.65
N ASP E 300 -27.63 20.20 41.52
CA ASP E 300 -26.25 19.75 41.36
C ASP E 300 -25.99 18.48 42.15
N GLY E 301 -27.02 17.98 42.82
CA GLY E 301 -26.90 16.78 43.61
C GLY E 301 -26.11 16.97 44.89
N ALA E 302 -25.20 16.02 45.15
CA ALA E 302 -24.42 16.03 46.38
C ALA E 302 -23.02 16.54 46.11
N VAL E 303 -22.45 17.24 47.09
CA VAL E 303 -21.10 17.78 46.96
C VAL E 303 -20.22 17.41 48.16
N TRP E 304 -19.18 16.63 47.89
CA TRP E 304 -18.23 16.23 48.92
C TRP E 304 -16.89 16.94 48.71
N LYS E 305 -16.33 17.49 49.80
CA LYS E 305 -15.02 18.12 49.75
C LYS E 305 -14.00 17.34 50.58
N ARG E 306 -12.73 17.40 50.18
CA ARG E 306 -11.72 16.53 50.75
C ARG E 306 -11.00 17.14 51.95
N VAL E 307 -11.31 16.63 53.13
CA VAL E 307 -10.71 17.13 54.37
C VAL E 307 -9.35 16.52 54.63
N LYS E 308 -9.13 15.27 54.19
CA LYS E 308 -7.88 14.60 54.50
C LYS E 308 -7.27 13.86 53.32
N SER E 309 -5.94 13.88 53.24
CA SER E 309 -5.18 13.18 52.20
C SER E 309 -4.63 11.83 52.68
N GLU E 310 -4.94 11.47 53.91
CA GLU E 310 -4.48 10.19 54.46
C GLU E 310 -5.48 9.67 55.46
N VAL E 311 -5.62 8.35 55.53
CA VAL E 311 -6.51 7.76 56.51
C VAL E 311 -5.81 6.65 57.28
N GLN E 312 -6.17 6.52 58.55
CA GLN E 312 -5.61 5.49 59.40
C GLN E 312 -6.21 4.15 59.01
N THR E 313 -5.40 3.10 59.11
CA THR E 313 -5.85 1.76 58.76
C THR E 313 -5.83 0.86 59.98
N TYR E 314 -6.63 -0.20 59.96
CA TYR E 314 -6.82 -1.03 61.15
C TYR E 314 -6.67 -2.53 60.91
N SER E 315 -6.26 -3.26 61.94
CA SER E 315 -6.25 -4.71 61.88
C SER E 315 -7.68 -5.24 62.07
N PRO E 316 -7.99 -6.38 61.43
CA PRO E 316 -9.33 -6.99 61.49
C PRO E 316 -9.79 -7.33 62.92
N LYS E 317 -11.10 -7.35 63.13
CA LYS E 317 -11.67 -7.62 64.45
C LYS E 317 -11.88 -9.11 64.70
N ALA F 5 23.73 20.05 8.69
CA ALA F 5 22.59 19.22 9.05
C ALA F 5 23.00 17.92 9.72
N SER F 6 23.08 17.94 11.05
CA SER F 6 23.37 16.75 11.84
C SER F 6 22.06 16.03 12.17
N SER F 7 20.98 16.55 11.60
CA SER F 7 19.63 16.00 11.78
C SER F 7 19.45 14.64 11.11
N ASP F 8 20.28 14.38 10.10
CA ASP F 8 20.21 13.11 9.39
C ASP F 8 20.57 11.96 10.33
N LEU F 9 21.56 12.21 11.19
CA LEU F 9 21.94 11.26 12.22
C LEU F 9 20.75 10.95 13.11
N THR F 10 20.12 12.01 13.63
CA THR F 10 18.96 11.88 14.50
C THR F 10 17.85 11.06 13.85
N ASP F 11 17.50 11.42 12.61
CA ASP F 11 16.47 10.69 11.89
C ASP F 11 16.84 9.21 11.77
N TYR F 12 18.09 8.95 11.38
CA TYR F 12 18.58 7.58 11.23
C TYR F 12 18.44 6.78 12.53
N VAL F 13 18.98 7.32 13.62
CA VAL F 13 18.90 6.67 14.92
C VAL F 13 17.47 6.39 15.36
N ILE F 14 16.61 7.40 15.23
CA ILE F 14 15.21 7.22 15.61
C ILE F 14 14.54 6.10 14.82
N ARG F 15 14.76 6.11 13.50
CA ARG F 15 14.13 5.10 12.65
C ARG F 15 14.70 3.70 12.86
N GLN F 16 15.97 3.58 13.21
CA GLN F 16 16.55 2.25 13.46
C GLN F 16 15.97 1.66 14.74
N LEU F 17 15.70 2.51 15.73
CA LEU F 17 15.14 2.07 16.99
C LEU F 17 13.63 2.17 16.99
N GLY F 18 13.08 2.58 15.85
CA GLY F 18 11.64 2.72 15.70
C GLY F 18 10.97 1.69 14.81
N ARG F 19 11.69 0.61 14.50
CA ARG F 19 11.12 -0.43 13.63
C ARG F 19 10.06 -1.21 14.36
N THR F 20 9.07 -1.72 13.60
CA THR F 20 8.08 -2.60 14.18
C THR F 20 8.77 -3.87 14.69
N LYS F 21 8.53 -4.18 15.97
CA LYS F 21 9.28 -5.22 16.68
C LYS F 21 9.02 -6.63 16.14
N ASN F 22 10.10 -7.37 15.91
CA ASN F 22 10.00 -8.78 15.59
C ASN F 22 9.83 -9.63 16.84
N LYS F 23 10.60 -9.28 17.87
CA LYS F 23 10.61 -10.01 19.11
C LYS F 23 10.15 -9.14 20.28
N ARG F 24 9.63 -9.79 21.32
CA ARG F 24 9.05 -9.11 22.48
C ARG F 24 10.07 -8.29 23.29
N TYR F 25 11.23 -8.86 23.53
CA TYR F 25 12.27 -8.20 24.32
C TYR F 25 13.31 -7.45 23.48
N GLU F 26 13.07 -7.37 22.17
CA GLU F 26 14.02 -6.76 21.24
C GLU F 26 14.31 -5.29 21.51
N ALA F 27 13.27 -4.47 21.50
CA ALA F 27 13.39 -3.03 21.75
C ALA F 27 14.14 -2.71 23.03
N TYR F 28 13.84 -3.45 24.09
CA TYR F 28 14.45 -3.17 25.39
C TYR F 28 15.94 -3.38 25.34
N VAL F 29 16.33 -4.57 24.91
CA VAL F 29 17.72 -4.98 24.88
C VAL F 29 18.53 -4.08 23.97
N VAL F 30 18.03 -3.85 22.77
CA VAL F 30 18.76 -3.06 21.79
C VAL F 30 18.89 -1.61 22.25
N SER F 31 17.78 -1.01 22.64
CA SER F 31 17.81 0.39 23.04
C SER F 31 18.74 0.58 24.23
N ARG F 32 18.71 -0.36 25.17
CA ARG F 32 19.57 -0.23 26.33
C ARG F 32 21.05 -0.37 25.92
N ILE F 33 21.35 -1.30 25.02
CA ILE F 33 22.72 -1.46 24.53
C ILE F 33 23.21 -0.16 23.91
N ILE F 34 22.43 0.38 22.99
CA ILE F 34 22.82 1.62 22.32
C ILE F 34 23.03 2.78 23.29
N HIS F 35 22.04 3.04 24.13
CA HIS F 35 22.13 4.19 25.05
C HIS F 35 23.26 4.05 26.05
N LEU F 36 23.47 2.85 26.58
CA LEU F 36 24.53 2.64 27.56
C LEU F 36 25.90 2.68 26.89
N LEU F 37 25.96 2.27 25.64
CA LEU F 37 27.17 2.46 24.85
C LEU F 37 27.34 3.93 24.48
N ASN F 38 26.32 4.48 23.83
CA ASN F 38 26.24 5.87 23.37
C ASN F 38 27.54 6.41 22.74
N ASP F 39 28.17 5.56 21.94
CA ASP F 39 29.24 6.00 21.03
C ASP F 39 28.69 5.99 19.61
N PHE F 40 28.51 7.17 19.03
CA PHE F 40 27.91 7.26 17.71
C PHE F 40 28.92 7.36 16.57
N THR F 41 30.21 7.25 16.91
CA THR F 41 31.20 6.98 15.89
C THR F 41 31.01 5.56 15.38
N LEU F 42 30.20 4.80 16.11
CA LEU F 42 29.85 3.43 15.75
C LEU F 42 28.52 3.37 15.00
N LYS F 43 28.56 3.02 13.72
CA LYS F 43 27.33 2.84 12.96
C LYS F 43 26.67 1.56 13.42
N PHE F 44 25.34 1.55 13.44
CA PHE F 44 24.60 0.34 13.81
C PHE F 44 23.35 0.17 12.96
N VAL F 45 22.92 -1.08 12.83
CA VAL F 45 21.73 -1.41 12.05
C VAL F 45 20.86 -2.37 12.84
N THR F 46 19.54 -2.14 12.85
CA THR F 46 18.61 -3.07 13.49
C THR F 46 17.88 -3.92 12.46
N GLN F 47 17.63 -5.18 12.82
CA GLN F 47 16.93 -6.11 11.96
C GLN F 47 17.69 -6.31 10.65
N GLN F 48 18.99 -6.52 10.76
CA GLN F 48 19.84 -6.73 9.60
C GLN F 48 19.62 -8.12 9.05
N PHE F 49 19.23 -8.19 7.78
CA PHE F 49 19.08 -9.48 7.10
C PHE F 49 20.43 -10.14 6.84
N VAL F 50 20.56 -11.41 7.17
CA VAL F 50 21.80 -12.15 6.91
C VAL F 50 21.54 -13.48 6.20
N ARG F 51 22.56 -14.02 5.56
CA ARG F 51 22.39 -15.28 4.83
C ARG F 51 23.18 -16.39 5.48
N LEU F 52 22.46 -17.39 5.98
CA LEU F 52 23.08 -18.52 6.66
C LEU F 52 23.76 -19.45 5.69
N SER F 53 24.32 -20.53 6.23
CA SER F 53 25.03 -21.53 5.43
C SER F 53 24.17 -22.17 4.38
N ASN F 54 22.87 -22.29 4.64
CA ASN F 54 22.03 -23.22 3.89
C ASN F 54 21.27 -22.79 2.65
N LYS F 55 21.29 -21.48 2.35
CA LYS F 55 20.31 -20.75 1.53
C LYS F 55 19.18 -20.08 2.31
N LYS F 56 19.07 -20.33 3.61
CA LYS F 56 17.97 -19.73 4.36
C LYS F 56 18.30 -18.29 4.75
N ILE F 57 17.28 -17.44 4.84
CA ILE F 57 17.50 -16.04 5.20
C ILE F 57 17.14 -15.79 6.67
N ALA F 58 18.08 -15.23 7.40
CA ALA F 58 17.92 -14.96 8.83
C ALA F 58 18.01 -13.47 9.10
N LEU F 59 17.89 -13.09 10.37
CA LEU F 59 18.03 -11.69 10.75
C LEU F 59 18.56 -11.51 12.15
N THR F 60 19.31 -10.44 12.37
CA THR F 60 19.82 -10.14 13.68
C THR F 60 19.27 -8.80 14.17
N ASP F 61 19.08 -8.71 15.48
CA ASP F 61 18.40 -7.57 16.08
C ASP F 61 19.24 -6.31 16.10
N LEU F 62 20.52 -6.44 16.45
CA LEU F 62 21.42 -5.29 16.39
C LEU F 62 22.72 -5.65 15.66
N TYR F 63 23.20 -4.77 14.78
CA TYR F 63 24.39 -5.05 13.97
C TYR F 63 25.35 -3.86 13.84
N PHE F 64 26.60 -4.07 14.24
CA PHE F 64 27.66 -3.09 14.01
C PHE F 64 28.57 -3.58 12.88
N PRO F 65 28.48 -2.93 11.71
CA PRO F 65 29.19 -3.28 10.48
C PRO F 65 30.69 -3.06 10.58
N GLN F 66 31.09 -1.99 11.25
CA GLN F 66 32.50 -1.65 11.35
C GLN F 66 33.26 -2.68 12.17
N LEU F 67 32.59 -3.22 13.19
CA LEU F 67 33.19 -4.19 14.08
C LEU F 67 32.83 -5.64 13.71
N GLY F 68 31.96 -5.80 12.73
CA GLY F 68 31.44 -7.11 12.38
C GLY F 68 30.83 -7.83 13.57
N ILE F 69 30.02 -7.11 14.35
CA ILE F 69 29.42 -7.69 15.55
C ILE F 69 27.91 -7.69 15.52
N HIS F 70 27.31 -8.84 15.86
CA HIS F 70 25.87 -8.90 15.94
C HIS F 70 25.42 -9.18 17.36
N ILE F 71 24.19 -8.78 17.65
CA ILE F 71 23.54 -9.06 18.90
C ILE F 71 22.14 -9.58 18.60
N GLU F 72 21.86 -10.75 19.15
CA GLU F 72 20.59 -11.42 18.99
C GLU F 72 19.92 -11.64 20.34
N VAL F 73 18.67 -11.21 20.45
CA VAL F 73 17.86 -11.55 21.61
C VAL F 73 17.32 -12.98 21.45
N ASP F 74 17.61 -13.83 22.44
CA ASP F 74 17.06 -15.19 22.48
C ASP F 74 15.88 -15.25 23.43
N GLU F 75 14.72 -15.48 22.83
CA GLU F 75 13.53 -15.91 23.50
C GLU F 75 13.24 -17.29 22.99
N GLY F 76 13.29 -17.44 21.67
CA GLY F 76 13.09 -18.76 21.10
C GLY F 76 11.75 -19.34 21.40
N HIS F 77 10.90 -19.48 20.39
CA HIS F 77 9.72 -20.28 20.55
C HIS F 77 8.41 -19.59 20.64
N HIS F 78 8.35 -18.36 21.14
CA HIS F 78 7.06 -17.75 21.29
C HIS F 78 6.81 -16.66 20.30
N PHE F 79 7.94 -16.09 19.89
CA PHE F 79 8.03 -15.03 18.89
C PHE F 79 6.79 -14.27 18.61
N LEU F 80 5.96 -14.12 19.59
CA LEU F 80 5.01 -13.07 19.54
C LEU F 80 4.33 -13.08 18.20
N ARG F 81 3.23 -13.81 18.12
CA ARG F 81 2.49 -13.87 16.88
C ARG F 81 2.13 -12.48 16.50
N ASN F 82 2.07 -12.27 15.21
CA ASN F 82 2.30 -13.36 14.30
C ASN F 82 3.44 -13.07 13.37
N SER F 83 4.57 -13.71 13.63
CA SER F 83 5.76 -13.48 12.87
C SER F 83 5.96 -14.59 11.87
N LYS F 84 6.60 -14.23 10.77
CA LYS F 84 6.93 -15.17 9.71
C LYS F 84 8.19 -15.96 10.07
N MET F 85 8.77 -15.61 11.22
CA MET F 85 10.02 -16.23 11.64
C MET F 85 9.84 -17.64 12.15
N GLU F 86 10.96 -18.30 12.41
CA GLU F 86 10.98 -19.65 12.96
C GLU F 86 12.29 -19.88 13.72
N TYR F 87 12.20 -20.68 14.78
CA TYR F 87 13.29 -20.86 15.72
C TYR F 87 14.01 -22.17 15.44
N SER F 88 15.27 -22.07 14.99
CA SER F 88 16.04 -23.24 14.60
C SER F 88 17.48 -23.14 15.05
N LEU F 89 18.19 -24.27 15.04
CA LEU F 89 19.60 -24.27 15.39
C LEU F 89 20.46 -24.34 14.13
N ASN F 90 21.58 -23.64 14.16
CA ASN F 90 22.45 -23.49 13.00
C ASN F 90 23.91 -23.42 13.43
N GLN F 91 24.79 -22.98 12.53
CA GLN F 91 26.21 -22.82 12.85
C GLN F 91 26.37 -21.93 14.07
N ILE F 92 27.42 -22.20 14.85
CA ILE F 92 27.63 -21.58 16.16
C ILE F 92 27.60 -20.04 16.10
N ASP F 93 28.14 -19.48 15.03
CA ASP F 93 28.23 -18.03 14.86
C ASP F 93 27.06 -17.43 14.05
N GLU F 94 26.04 -18.25 13.81
CA GLU F 94 24.88 -17.79 13.05
C GLU F 94 23.64 -17.66 13.94
N PRO F 95 22.71 -16.76 13.58
CA PRO F 95 21.54 -16.49 14.42
C PRO F 95 20.63 -17.71 14.62
N LEU F 96 19.81 -17.67 15.66
CA LEU F 96 18.89 -18.77 15.95
C LEU F 96 17.57 -18.61 15.22
N TYR F 97 17.30 -17.41 14.73
CA TYR F 97 15.99 -17.11 14.15
C TYR F 97 16.09 -16.92 12.65
N SER F 98 15.21 -17.60 11.92
CA SER F 98 15.26 -17.55 10.47
C SER F 98 13.87 -17.31 9.88
N ILE F 99 13.79 -17.23 8.55
CA ILE F 99 12.53 -17.00 7.87
C ILE F 99 12.18 -18.21 7.03
N SER F 100 10.88 -18.52 6.95
CA SER F 100 10.43 -19.61 6.08
C SER F 100 10.82 -19.35 4.63
N GLN F 101 11.28 -20.40 3.94
CA GLN F 101 11.76 -20.28 2.57
C GLN F 101 10.73 -19.68 1.63
N THR F 102 9.46 -19.87 1.97
CA THR F 102 8.35 -19.26 1.22
C THR F 102 8.40 -17.73 1.35
N GLU F 103 8.70 -17.25 2.55
CA GLU F 103 8.81 -15.81 2.78
C GLU F 103 10.21 -15.31 2.43
N SER F 104 11.15 -16.24 2.23
CA SER F 104 12.52 -15.87 1.91
C SER F 104 12.66 -15.45 0.45
N ASP F 105 11.94 -16.13 -0.44
CA ASP F 105 12.01 -15.78 -1.85
C ASP F 105 11.16 -14.53 -2.14
N ALA F 106 10.40 -14.11 -1.14
CA ALA F 106 9.66 -12.85 -1.24
C ALA F 106 10.57 -11.68 -0.92
N MET F 107 11.52 -11.92 -0.02
CA MET F 107 12.42 -10.88 0.48
C MET F 107 13.75 -10.80 -0.25
N ARG F 108 13.89 -11.51 -1.38
CA ARG F 108 15.11 -11.50 -2.18
C ARG F 108 15.70 -10.11 -2.41
N GLU F 109 14.84 -9.13 -2.67
CA GLU F 109 15.27 -7.78 -3.02
C GLU F 109 16.00 -7.08 -1.86
N GLU F 110 15.81 -7.60 -0.65
CA GLU F 110 16.36 -6.99 0.55
C GLU F 110 17.88 -7.04 0.58
N ASP F 111 18.49 -6.25 1.45
CA ASP F 111 19.95 -6.19 1.51
C ASP F 111 20.42 -7.26 2.45
N ILE F 112 20.98 -8.31 1.88
CA ILE F 112 21.30 -9.51 2.61
C ILE F 112 22.80 -9.70 2.54
N ILE F 113 23.44 -9.78 3.69
CA ILE F 113 24.88 -9.81 3.72
C ILE F 113 25.43 -11.14 4.20
N SER F 114 26.75 -11.25 4.18
CA SER F 114 27.41 -12.47 4.58
C SER F 114 27.92 -12.28 5.99
N ILE F 115 27.64 -13.26 6.87
CA ILE F 115 28.04 -13.17 8.26
C ILE F 115 29.35 -13.89 8.55
N THR F 116 29.98 -14.40 7.49
CA THR F 116 31.22 -15.13 7.65
C THR F 116 32.27 -14.27 8.36
N GLY F 117 32.76 -14.76 9.48
CA GLY F 117 33.77 -14.06 10.25
C GLY F 117 33.20 -13.22 11.36
N HIS F 118 31.92 -12.84 11.21
CA HIS F 118 31.27 -12.00 12.22
C HIS F 118 31.00 -12.79 13.51
N LYS F 119 31.05 -12.09 14.64
CA LYS F 119 30.71 -12.68 15.93
C LYS F 119 29.25 -12.40 16.28
N ILE F 120 28.59 -13.34 16.92
CA ILE F 120 27.23 -13.12 17.41
C ILE F 120 27.16 -13.28 18.92
N PHE F 121 26.72 -12.22 19.59
CA PHE F 121 26.47 -12.27 21.01
C PHE F 121 25.00 -12.46 21.26
N ARG F 122 24.66 -13.25 22.27
CA ARG F 122 23.26 -13.51 22.53
C ARG F 122 22.82 -12.95 23.88
N VAL F 123 21.54 -12.63 23.99
CA VAL F 123 20.98 -12.24 25.27
C VAL F 123 19.81 -13.14 25.63
N ASN F 124 19.95 -13.88 26.73
CA ASN F 124 18.91 -14.82 27.15
C ASN F 124 17.97 -14.18 28.14
N VAL F 125 16.73 -13.98 27.72
CA VAL F 125 15.77 -13.21 28.48
C VAL F 125 14.83 -14.05 29.34
N PHE F 126 14.96 -15.37 29.28
CA PHE F 126 14.10 -16.24 30.06
C PHE F 126 14.89 -17.16 30.97
N LYS F 127 14.55 -17.15 32.25
CA LYS F 127 15.18 -18.06 33.21
C LYS F 127 14.63 -19.46 33.01
N ASN F 128 13.36 -19.66 33.36
CA ASN F 128 12.69 -20.92 33.08
C ASN F 128 11.83 -20.74 31.84
N GLN F 129 12.28 -21.33 30.74
CA GLN F 129 11.53 -21.29 29.50
C GLN F 129 10.90 -22.66 29.27
N GLU F 130 9.65 -22.71 28.81
CA GLU F 130 8.86 -21.54 28.39
C GLU F 130 8.29 -20.73 29.56
N GLY F 131 7.52 -19.69 29.24
CA GLY F 131 7.03 -18.77 30.26
C GLY F 131 8.04 -17.79 30.85
N GLN F 132 8.27 -17.92 32.16
CA GLN F 132 8.83 -16.88 33.03
C GLN F 132 10.04 -16.11 32.49
N PRO F 133 9.99 -14.78 32.61
CA PRO F 133 11.12 -13.90 32.29
C PRO F 133 12.17 -13.94 33.38
N GLN F 134 13.40 -13.55 33.06
CA GLN F 134 14.45 -13.51 34.07
C GLN F 134 14.44 -12.17 34.81
N ASN F 135 15.32 -12.02 35.79
CA ASN F 135 15.42 -10.78 36.55
C ASN F 135 16.25 -9.75 35.81
N LEU F 136 15.84 -8.49 35.91
CA LEU F 136 16.47 -7.40 35.17
C LEU F 136 17.97 -7.28 35.41
N GLU F 137 18.41 -7.62 36.62
CA GLU F 137 19.82 -7.51 36.96
C GLU F 137 20.67 -8.38 36.04
N ASN F 138 20.22 -9.61 35.83
CA ASN F 138 20.94 -10.55 34.97
C ASN F 138 21.02 -10.07 33.52
N ILE F 139 19.87 -9.66 33.00
CA ILE F 139 19.80 -9.15 31.63
C ILE F 139 20.75 -7.98 31.46
N HIS F 140 20.68 -7.05 32.41
CA HIS F 140 21.57 -5.89 32.43
C HIS F 140 23.04 -6.30 32.44
N GLN F 141 23.37 -7.36 33.19
CA GLN F 141 24.75 -7.86 33.23
C GLN F 141 25.20 -8.34 31.85
N GLN F 142 24.39 -9.21 31.25
CA GLN F 142 24.63 -9.66 29.87
C GLN F 142 24.88 -8.49 28.91
N ILE F 143 24.03 -7.48 29.00
CA ILE F 143 24.19 -6.32 28.13
C ILE F 143 25.49 -5.57 28.43
N ASP F 144 25.84 -5.46 29.71
CA ASP F 144 27.06 -4.75 30.11
C ASP F 144 28.30 -5.43 29.52
N LYS F 145 28.37 -6.75 29.63
CA LYS F 145 29.51 -7.47 29.08
C LYS F 145 29.54 -7.31 27.55
N ILE F 146 28.37 -7.34 26.91
CA ILE F 146 28.33 -7.11 25.47
C ILE F 146 28.92 -5.74 25.11
N ILE F 147 28.51 -4.71 25.86
CA ILE F 147 29.04 -3.36 25.66
C ILE F 147 30.56 -3.32 25.81
N GLU F 148 31.08 -4.05 26.80
CA GLU F 148 32.53 -4.11 26.97
C GLU F 148 33.23 -4.79 25.79
N GLU F 149 32.61 -5.84 25.26
CA GLU F 149 33.15 -6.52 24.08
C GLU F 149 33.18 -5.57 22.88
N ILE F 150 32.12 -4.79 22.72
CA ILE F 150 32.05 -3.79 21.67
C ILE F 150 33.17 -2.76 21.81
N LYS F 151 33.31 -2.21 23.01
CA LYS F 151 34.32 -1.18 23.27
C LYS F 151 35.73 -1.71 23.02
N THR F 152 35.99 -2.95 23.43
CA THR F 152 37.33 -3.49 23.32
C THR F 152 37.65 -3.88 21.87
N ALA F 153 36.61 -4.25 21.12
CA ALA F 153 36.79 -4.49 19.69
C ALA F 153 37.11 -3.18 18.99
N LYS F 154 36.37 -2.14 19.37
CA LYS F 154 36.60 -0.81 18.83
C LYS F 154 38.03 -0.35 19.12
N ASN F 155 38.52 -0.68 20.31
CA ASN F 155 39.87 -0.31 20.68
C ASN F 155 40.93 -1.09 19.91
N LYS F 156 40.73 -2.40 19.76
CA LYS F 156 41.67 -3.21 19.00
C LYS F 156 41.68 -2.74 17.54
N LEU F 157 40.59 -2.14 17.08
CA LEU F 157 40.57 -1.56 15.73
C LEU F 157 41.24 -0.20 15.65
N ILE F 158 41.01 0.67 16.64
CA ILE F 158 41.57 2.01 16.56
C ILE F 158 43.09 1.95 16.73
N GLU F 159 43.56 1.04 17.56
CA GLU F 159 44.99 0.96 17.83
C GLU F 159 45.74 0.36 16.64
N ALA F 160 45.03 -0.45 15.86
CA ALA F 160 45.60 -1.03 14.65
C ALA F 160 45.44 -0.05 13.50
N SER F 161 44.85 1.11 13.80
CA SER F 161 44.66 2.20 12.84
C SER F 161 43.80 1.77 11.65
N THR F 162 42.97 0.75 11.85
CA THR F 162 42.06 0.28 10.82
C THR F 162 40.66 0.86 10.99
N PHE F 163 40.45 1.64 12.05
CA PHE F 163 39.12 2.14 12.37
C PHE F 163 38.79 3.46 11.68
N LYS F 164 37.64 3.47 11.01
CA LYS F 164 37.16 4.66 10.32
C LYS F 164 35.86 5.14 10.94
N GLU F 165 35.89 6.32 11.58
CA GLU F 165 34.73 6.80 12.30
C GLU F 165 33.58 7.09 11.34
N TRP F 166 32.36 7.05 11.87
CA TRP F 166 31.16 7.10 11.05
C TRP F 166 30.69 8.52 10.78
N ASN F 167 30.41 8.82 9.51
CA ASN F 167 29.83 10.11 9.13
C ASN F 167 28.71 9.98 8.10
N ILE F 168 27.53 10.48 8.45
CA ILE F 168 26.37 10.42 7.55
C ILE F 168 26.58 11.18 6.26
N GLU F 169 27.00 12.44 6.39
CA GLU F 169 27.15 13.34 5.27
C GLU F 169 28.08 12.81 4.17
N THR F 170 29.22 12.26 4.57
CA THR F 170 30.27 11.89 3.61
C THR F 170 30.23 10.45 3.10
N GLU F 171 29.41 9.59 3.69
CA GLU F 171 29.49 8.17 3.36
C GLU F 171 28.82 7.79 2.04
N TYR F 172 27.82 8.55 1.61
CA TYR F 172 27.13 8.27 0.35
C TYR F 172 27.69 9.11 -0.80
N ASN F 173 28.66 9.96 -0.50
CA ASN F 173 29.25 10.83 -1.50
C ASN F 173 30.54 10.25 -2.07
N PRO F 174 30.53 9.93 -3.37
CA PRO F 174 31.63 9.28 -4.08
C PRO F 174 32.97 9.98 -3.93
N GLN F 175 32.95 11.31 -3.85
CA GLN F 175 34.17 12.12 -3.75
C GLN F 175 35.04 11.65 -2.60
N THR F 176 34.41 11.25 -1.51
CA THR F 176 35.13 10.83 -0.32
C THR F 176 35.87 9.51 -0.55
N TYR F 177 35.28 8.62 -1.34
CA TYR F 177 35.91 7.34 -1.65
C TYR F 177 36.99 7.49 -2.71
N ILE F 178 36.81 8.48 -3.58
CA ILE F 178 37.88 8.85 -4.52
C ILE F 178 39.07 9.36 -3.73
N ASP F 179 38.81 10.21 -2.74
CA ASP F 179 39.84 10.74 -1.86
C ASP F 179 40.52 9.66 -1.02
N LEU F 180 39.73 8.69 -0.57
CA LEU F 180 40.27 7.60 0.23
C LEU F 180 41.19 6.74 -0.62
N GLY F 181 40.80 6.56 -1.87
CA GLY F 181 41.60 5.80 -2.82
C GLY F 181 41.08 4.41 -3.07
N ARG F 182 40.26 3.89 -2.16
CA ARG F 182 39.77 2.52 -2.31
C ARG F 182 38.36 2.30 -1.78
N ILE F 183 37.77 1.20 -2.24
CA ILE F 183 36.47 0.75 -1.78
C ILE F 183 36.60 -0.68 -1.29
N SER F 184 36.29 -0.89 -0.02
CA SER F 184 36.51 -2.16 0.66
C SER F 184 35.23 -2.75 1.24
N LEU F 185 35.27 -4.04 1.53
CA LEU F 185 34.15 -4.73 2.15
C LEU F 185 34.11 -4.40 3.64
N ALA F 186 35.28 -4.15 4.21
CA ALA F 186 35.37 -3.79 5.61
C ALA F 186 34.73 -2.42 5.84
N ASP F 187 34.81 -1.56 4.83
CA ASP F 187 34.22 -0.23 4.91
C ASP F 187 32.71 -0.27 4.77
N ASN F 188 32.20 -1.40 4.28
CA ASN F 188 30.76 -1.60 4.11
C ASN F 188 30.16 -0.51 3.24
N VAL F 189 30.57 -0.48 1.98
CA VAL F 189 30.23 0.63 1.09
C VAL F 189 28.96 0.39 0.29
N VAL F 190 27.95 1.22 0.54
CA VAL F 190 26.70 1.17 -0.18
C VAL F 190 26.38 2.55 -0.73
N LEU F 191 26.12 2.63 -2.04
CA LEU F 191 25.86 3.92 -2.68
C LEU F 191 24.43 4.01 -3.18
N LYS F 192 23.90 5.23 -3.28
CA LYS F 192 22.46 5.41 -3.43
C LYS F 192 21.97 5.16 -4.86
N THR F 193 22.89 5.15 -5.83
CA THR F 193 22.51 4.89 -7.22
C THR F 193 23.68 4.46 -8.11
N THR F 194 23.37 4.13 -9.37
CA THR F 194 24.39 3.65 -10.30
C THR F 194 25.33 4.76 -10.77
N LYS F 195 24.80 5.98 -10.87
CA LYS F 195 25.58 7.10 -11.34
C LYS F 195 26.73 7.41 -10.38
N ASP F 196 26.50 7.19 -9.09
CA ASP F 196 27.53 7.48 -8.09
C ASP F 196 28.68 6.49 -8.18
N VAL F 197 28.35 5.21 -8.12
CA VAL F 197 29.36 4.16 -8.19
C VAL F 197 30.10 4.25 -9.52
N CYS F 198 29.41 4.66 -10.57
CA CYS F 198 30.06 4.98 -11.84
C CYS F 198 31.05 6.14 -11.70
N ASN F 199 30.62 7.21 -11.04
CA ASN F 199 31.45 8.41 -10.88
C ASN F 199 32.63 8.20 -9.95
N CYS F 200 32.64 7.06 -9.26
CA CYS F 200 33.77 6.70 -8.42
C CYS F 200 34.99 6.32 -9.24
N PHE F 201 34.74 5.72 -10.39
CA PHE F 201 35.78 5.18 -11.26
C PHE F 201 36.20 6.10 -12.42
N GLY F 202 35.73 7.35 -12.41
CA GLY F 202 36.10 8.30 -13.44
C GLY F 202 35.02 8.77 -14.39
N TYR F 203 33.81 8.20 -14.29
CA TYR F 203 32.68 8.67 -15.08
C TYR F 203 32.14 10.03 -14.58
N SER F 204 31.63 10.82 -15.52
CA SER F 204 30.96 12.09 -15.21
C SER F 204 29.43 11.94 -15.19
N TYR F 205 28.95 10.69 -15.28
CA TYR F 205 27.56 10.38 -15.60
C TYR F 205 26.51 11.15 -14.81
N LYS F 206 25.53 11.71 -15.54
CA LYS F 206 24.37 12.34 -14.91
C LYS F 206 23.36 11.28 -14.49
N ASN F 207 23.03 10.37 -15.41
CA ASN F 207 22.15 9.23 -15.15
C ASN F 207 22.71 7.98 -15.80
N TYR F 208 22.55 6.82 -15.18
CA TYR F 208 22.86 5.57 -15.87
C TYR F 208 21.77 4.53 -15.65
N GLN F 209 21.06 4.17 -16.71
CA GLN F 209 20.01 3.17 -16.61
C GLN F 209 20.41 1.76 -17.07
N ARG F 210 21.60 1.63 -17.64
CA ARG F 210 22.04 0.33 -18.13
C ARG F 210 22.64 -0.52 -17.01
N GLY F 211 22.57 -1.84 -17.17
CA GLY F 211 23.07 -2.77 -16.18
C GLY F 211 24.59 -2.76 -15.98
N GLY F 212 25.33 -2.96 -17.07
CA GLY F 212 26.77 -2.92 -17.00
C GLY F 212 27.34 -1.57 -17.40
N ALA F 213 28.55 -1.28 -16.95
CA ALA F 213 29.25 -0.06 -17.36
C ALA F 213 30.74 -0.34 -17.56
N LEU F 214 31.25 0.02 -18.74
CA LEU F 214 32.65 -0.19 -19.10
C LEU F 214 33.58 0.61 -18.19
N HIS F 215 34.55 -0.06 -17.58
CA HIS F 215 35.55 0.60 -16.73
C HIS F 215 36.44 1.51 -17.57
N PRO F 216 36.47 2.81 -17.24
CA PRO F 216 37.28 3.78 -17.99
C PRO F 216 38.78 3.48 -18.00
N TYR F 217 39.35 3.18 -16.84
CA TYR F 217 40.80 3.10 -16.72
C TYR F 217 41.38 1.70 -16.81
N LYS F 218 40.50 0.69 -16.91
CA LYS F 218 40.94 -0.69 -17.08
C LYS F 218 40.02 -1.41 -18.08
N LYS F 219 40.61 -2.01 -19.12
CA LYS F 219 39.82 -2.62 -20.18
C LYS F 219 39.53 -4.10 -19.95
N ASP F 220 40.10 -4.66 -18.88
CA ASP F 220 39.82 -6.05 -18.52
C ASP F 220 38.77 -6.18 -17.42
N THR F 221 38.26 -5.05 -16.93
CA THR F 221 37.28 -5.05 -15.85
C THR F 221 35.96 -4.38 -16.24
N LEU F 222 34.87 -4.85 -15.66
CA LEU F 222 33.54 -4.30 -15.92
C LEU F 222 32.82 -3.93 -14.62
N ILE F 223 32.25 -2.72 -14.59
CA ILE F 223 31.43 -2.31 -13.45
C ILE F 223 30.06 -2.95 -13.59
N TRP F 224 29.67 -3.76 -12.62
CA TRP F 224 28.43 -4.51 -12.78
C TRP F 224 27.42 -4.19 -11.68
N PHE F 225 26.15 -4.04 -12.08
CA PHE F 225 25.07 -3.75 -11.13
C PHE F 225 23.98 -4.79 -11.19
N PRO F 226 24.30 -6.05 -10.90
CA PRO F 226 23.31 -7.11 -11.01
C PRO F 226 22.34 -7.19 -9.84
N ARG F 227 21.19 -7.78 -10.10
CA ARG F 227 20.35 -8.27 -9.01
C ARG F 227 20.78 -9.71 -8.76
N LEU F 228 21.18 -10.01 -7.54
CA LEU F 228 21.83 -11.28 -7.23
C LEU F 228 20.81 -12.36 -6.94
N TYR F 229 19.54 -12.04 -7.18
CA TYR F 229 18.46 -13.00 -7.07
C TYR F 229 17.81 -13.25 -8.43
N GLU F 230 16.76 -14.05 -8.44
CA GLU F 230 16.02 -14.33 -9.67
C GLU F 230 15.00 -13.23 -9.95
N ASN F 231 14.95 -12.79 -11.19
CA ASN F 231 13.99 -11.79 -11.63
C ASN F 231 13.58 -12.05 -13.06
N LYS F 232 12.91 -11.06 -13.68
CA LYS F 232 12.28 -11.24 -14.98
C LYS F 232 13.21 -11.77 -16.09
N ASP F 233 14.29 -11.06 -16.37
CA ASP F 233 15.15 -11.43 -17.51
C ASP F 233 16.16 -12.55 -17.20
N TRP F 234 16.80 -12.53 -16.03
CA TRP F 234 17.79 -13.57 -15.75
C TRP F 234 17.92 -14.01 -14.27
N ILE F 235 18.55 -15.16 -14.08
CA ILE F 235 18.70 -15.79 -12.76
C ILE F 235 20.12 -15.67 -12.23
N ASN F 236 20.28 -14.96 -11.11
CA ASN F 236 21.59 -14.84 -10.48
C ASN F 236 21.58 -15.38 -9.06
N THR F 237 22.72 -15.90 -8.60
CA THR F 237 22.84 -16.34 -7.21
C THR F 237 24.19 -15.97 -6.61
N ILE F 238 24.25 -15.89 -5.29
CA ILE F 238 25.52 -15.68 -4.62
C ILE F 238 25.68 -16.57 -3.38
N SER F 239 26.85 -17.20 -3.26
CA SER F 239 27.14 -18.07 -2.14
C SER F 239 27.08 -17.30 -0.84
N PRO F 240 26.57 -17.93 0.22
CA PRO F 240 26.41 -17.33 1.55
C PRO F 240 27.66 -16.62 2.06
N ASP F 241 28.84 -17.10 1.67
CA ASP F 241 30.08 -16.48 2.11
C ASP F 241 30.49 -15.34 1.16
N GLY F 242 29.73 -15.18 0.08
CA GLY F 242 29.98 -14.12 -0.88
C GLY F 242 31.17 -14.38 -1.78
N LEU F 243 31.59 -15.64 -1.86
CA LEU F 243 32.72 -16.00 -2.70
C LEU F 243 32.36 -16.13 -4.18
N THR F 244 31.29 -16.86 -4.47
CA THR F 244 30.98 -17.21 -5.85
C THR F 244 29.60 -16.76 -6.29
N ILE F 245 29.55 -16.08 -7.43
CA ILE F 245 28.30 -15.62 -8.03
C ILE F 245 28.00 -16.35 -9.32
N THR F 246 26.81 -16.93 -9.44
CA THR F 246 26.43 -17.60 -10.68
C THR F 246 25.47 -16.76 -11.51
N GLU F 247 25.81 -16.59 -12.79
CA GLU F 247 24.97 -15.87 -13.75
C GLU F 247 24.40 -16.80 -14.81
N LYS F 248 23.11 -16.61 -15.08
CA LYS F 248 22.33 -17.38 -16.04
C LYS F 248 21.31 -16.44 -16.67
N SER F 249 20.36 -16.97 -17.41
CA SER F 249 19.24 -16.20 -17.94
C SER F 249 18.02 -17.10 -18.11
N THR F 250 16.85 -16.49 -18.21
CA THR F 250 15.60 -17.24 -18.38
C THR F 250 15.59 -17.99 -19.70
N ASP F 251 15.88 -17.29 -20.79
CA ASP F 251 16.02 -17.92 -22.09
C ASP F 251 17.38 -18.60 -22.21
N GLU F 252 17.37 -19.88 -22.58
CA GLU F 252 18.62 -20.62 -22.75
C GLU F 252 19.38 -20.13 -24.00
N THR F 253 18.63 -19.63 -24.98
CA THR F 253 19.22 -19.12 -26.21
C THR F 253 20.15 -17.94 -25.93
N ILE F 254 19.71 -17.01 -25.09
CA ILE F 254 20.52 -15.83 -24.82
C ILE F 254 21.70 -16.17 -23.90
N THR F 255 21.57 -17.26 -23.13
CA THR F 255 22.72 -17.78 -22.39
C THR F 255 23.75 -18.34 -23.35
N LEU F 256 23.26 -19.03 -24.39
CA LEU F 256 24.13 -19.59 -25.41
C LEU F 256 24.86 -18.50 -26.18
N LYS F 257 24.16 -17.43 -26.54
CA LYS F 257 24.79 -16.34 -27.29
C LYS F 257 25.70 -15.51 -26.39
N LYS F 258 25.41 -15.50 -25.09
CA LYS F 258 26.21 -14.74 -24.14
C LYS F 258 27.38 -15.56 -23.61
N LEU F 259 27.43 -16.84 -23.97
CA LEU F 259 28.49 -17.74 -23.50
C LEU F 259 29.84 -17.38 -24.11
N GLU F 260 29.87 -17.17 -25.42
CA GLU F 260 31.08 -16.75 -26.10
C GLU F 260 31.49 -15.36 -25.62
N GLU F 261 30.49 -14.51 -25.42
CA GLU F 261 30.69 -13.16 -24.93
C GLU F 261 31.38 -13.18 -23.57
N TRP F 262 30.97 -14.12 -22.73
CA TRP F 262 31.62 -14.33 -21.43
C TRP F 262 33.03 -14.85 -21.60
N LYS F 263 33.21 -15.77 -22.56
CA LYS F 263 34.49 -16.43 -22.74
C LYS F 263 35.60 -15.53 -23.27
N ASN F 264 35.26 -14.55 -24.12
CA ASN F 264 36.30 -13.66 -24.65
C ASN F 264 36.70 -12.57 -23.66
N GLY F 265 35.72 -11.97 -22.99
CA GLY F 265 36.01 -10.94 -22.00
C GLY F 265 34.86 -9.94 -21.85
N PRO F 266 34.99 -8.99 -20.91
CA PRO F 266 36.10 -8.81 -19.97
C PRO F 266 36.11 -9.85 -18.85
N GLN F 267 37.30 -10.32 -18.49
CA GLN F 267 37.45 -11.44 -17.57
C GLN F 267 37.30 -11.08 -16.10
N LYS F 268 37.21 -9.78 -15.80
CA LYS F 268 37.01 -9.33 -14.43
C LYS F 268 35.80 -8.42 -14.32
N ARG F 269 35.10 -8.51 -13.19
CA ARG F 269 34.00 -7.60 -12.92
C ARG F 269 34.01 -7.13 -11.47
N ILE F 270 34.02 -5.82 -11.28
CA ILE F 270 33.81 -5.24 -9.96
C ILE F 270 32.30 -5.11 -9.72
N VAL F 271 31.84 -5.67 -8.61
CA VAL F 271 30.41 -5.84 -8.43
C VAL F 271 29.78 -4.92 -7.39
N PHE F 272 28.65 -4.32 -7.76
CA PHE F 272 27.78 -3.62 -6.82
C PHE F 272 26.36 -4.18 -6.95
N ALA F 273 25.89 -4.85 -5.92
CA ALA F 273 24.58 -5.50 -5.97
C ALA F 273 23.47 -4.52 -5.67
N ARG F 274 22.37 -4.62 -6.43
CA ARG F 274 21.23 -3.75 -6.18
C ARG F 274 20.43 -4.28 -5.01
N VAL F 275 20.34 -3.47 -3.96
CA VAL F 275 19.66 -3.88 -2.74
C VAL F 275 18.76 -2.75 -2.24
N LYS F 276 17.60 -3.12 -1.72
CA LYS F 276 16.70 -2.16 -1.11
C LYS F 276 17.34 -1.59 0.17
N ASP F 277 17.19 -0.29 0.40
CA ASP F 277 17.73 0.33 1.60
C ASP F 277 16.98 -0.17 2.84
N ASN F 278 17.72 -0.52 3.89
CA ASN F 278 17.11 -1.06 5.11
C ASN F 278 16.10 -0.09 5.71
N LEU F 279 16.32 1.21 5.48
CA LEU F 279 15.31 2.22 5.77
C LEU F 279 14.80 2.80 4.46
N SER F 280 13.52 3.13 4.44
CA SER F 280 12.93 3.88 3.31
C SER F 280 13.02 3.21 1.95
N SER F 281 13.17 1.88 1.93
CA SER F 281 12.72 1.04 0.82
C SER F 281 12.99 1.56 -0.61
N ARG F 282 14.16 2.15 -0.84
CA ARG F 282 14.52 2.58 -2.17
C ARG F 282 15.76 1.81 -2.59
N ALA F 283 16.02 1.73 -3.90
CA ALA F 283 17.14 0.93 -4.39
C ALA F 283 18.49 1.55 -4.08
N MET F 284 19.44 0.70 -3.69
CA MET F 284 20.82 1.11 -3.40
C MET F 284 21.80 0.07 -3.93
N TYR F 285 23.08 0.43 -3.97
CA TYR F 285 24.06 -0.44 -4.61
C TYR F 285 25.26 -0.73 -3.71
N ARG F 286 25.39 -2.00 -3.32
CA ARG F 286 26.38 -2.43 -2.33
C ARG F 286 27.55 -3.14 -2.98
N PHE F 287 28.75 -2.73 -2.62
CA PHE F 287 29.95 -3.32 -3.19
C PHE F 287 30.10 -4.75 -2.66
N MET F 288 30.08 -5.73 -3.57
CA MET F 288 30.29 -7.12 -3.18
C MET F 288 31.73 -7.59 -3.31
N GLY F 289 32.53 -6.90 -4.10
CA GLY F 289 33.92 -7.29 -4.28
C GLY F 289 34.42 -7.12 -5.71
N LEU F 290 35.64 -7.61 -5.95
CA LEU F 290 36.18 -7.74 -7.30
C LEU F 290 36.26 -9.23 -7.65
N TYR F 291 35.46 -9.60 -8.65
CA TYR F 291 35.22 -11.00 -9.02
C TYR F 291 35.84 -11.38 -10.36
N GLU F 292 36.20 -12.66 -10.48
CA GLU F 292 36.85 -13.17 -11.69
C GLU F 292 36.09 -14.36 -12.27
N PHE F 293 36.01 -14.42 -13.59
CA PHE F 293 35.23 -15.42 -14.32
C PHE F 293 35.95 -16.77 -14.37
N GLN F 294 35.35 -17.82 -13.81
CA GLN F 294 35.97 -19.15 -13.87
C GLN F 294 35.42 -20.13 -14.93
N LYS F 295 34.21 -19.89 -15.44
CA LYS F 295 33.52 -20.95 -16.21
C LYS F 295 32.39 -20.53 -17.17
N ALA F 296 32.23 -21.28 -18.27
CA ALA F 296 31.02 -21.22 -19.09
C ALA F 296 30.24 -22.55 -18.99
N ASP F 297 28.93 -22.51 -19.23
CA ASP F 297 28.04 -23.68 -19.01
C ASP F 297 26.57 -23.42 -19.42
N LEU F 298 25.71 -24.45 -19.29
CA LEU F 298 24.27 -24.22 -19.21
C LEU F 298 23.86 -24.18 -17.72
N LYS F 299 22.58 -24.00 -17.43
CA LYS F 299 22.13 -24.03 -16.03
C LYS F 299 22.94 -22.97 -15.26
N ASP F 300 23.74 -23.37 -14.27
CA ASP F 300 24.58 -22.44 -13.48
C ASP F 300 25.41 -21.52 -14.39
N GLY F 301 25.83 -22.04 -15.55
CA GLY F 301 26.37 -21.19 -16.60
C GLY F 301 27.59 -20.42 -16.18
N ALA F 302 27.52 -19.10 -16.25
CA ALA F 302 28.64 -18.25 -15.86
C ALA F 302 28.90 -18.33 -14.36
N VAL F 303 30.17 -18.38 -13.98
CA VAL F 303 30.55 -18.43 -12.58
C VAL F 303 31.68 -17.44 -12.30
N TRP F 304 31.46 -16.57 -11.33
CA TRP F 304 32.43 -15.53 -10.99
C TRP F 304 32.93 -15.75 -9.57
N LYS F 305 34.23 -16.00 -9.43
CA LYS F 305 34.85 -16.20 -8.13
C LYS F 305 35.42 -14.88 -7.65
N ARG F 306 35.38 -14.63 -6.33
CA ARG F 306 35.84 -13.34 -5.81
C ARG F 306 37.31 -13.39 -5.44
N VAL F 307 38.14 -12.70 -6.24
CA VAL F 307 39.57 -12.66 -6.00
C VAL F 307 40.05 -11.44 -5.21
N LYS F 308 39.21 -10.42 -5.05
CA LYS F 308 39.67 -9.24 -4.31
C LYS F 308 38.56 -8.61 -3.48
N SER F 309 38.92 -8.17 -2.28
CA SER F 309 37.98 -7.50 -1.38
C SER F 309 38.07 -5.97 -1.42
N GLU F 310 39.01 -5.46 -2.21
CA GLU F 310 39.22 -4.01 -2.29
C GLU F 310 39.47 -3.56 -3.73
N VAL F 311 38.92 -2.41 -4.11
CA VAL F 311 39.19 -1.88 -5.45
C VAL F 311 39.57 -0.39 -5.40
N GLN F 312 40.65 -0.05 -6.10
CA GLN F 312 41.11 1.34 -6.14
C GLN F 312 40.14 2.21 -6.96
N THR F 313 40.04 3.48 -6.59
CA THR F 313 39.15 4.40 -7.29
C THR F 313 39.91 5.35 -8.21
N TYR F 314 39.18 6.17 -8.97
CA TYR F 314 39.80 7.06 -9.93
C TYR F 314 39.02 8.37 -10.12
N SER F 315 39.74 9.47 -10.31
CA SER F 315 39.11 10.77 -10.55
C SER F 315 38.40 10.80 -11.90
N PRO F 316 37.40 11.69 -12.05
CA PRO F 316 36.67 11.87 -13.31
C PRO F 316 37.59 12.07 -14.52
N LYS F 317 37.20 11.53 -15.67
CA LYS F 317 38.06 11.51 -16.85
C LYS F 317 37.56 12.46 -17.94
N GLU F 318 38.42 13.38 -18.36
CA GLU F 318 38.10 14.31 -19.43
C GLU F 318 39.27 14.50 -20.38
N LYS G 4 -32.26 5.97 -5.97
CA LYS G 4 -30.96 6.02 -5.31
C LYS G 4 -30.32 4.64 -5.22
N ALA G 5 -29.01 4.62 -4.96
CA ALA G 5 -28.24 3.39 -4.75
C ALA G 5 -28.31 2.44 -5.94
N SER G 6 -28.60 2.98 -7.11
CA SER G 6 -28.51 2.24 -8.36
C SER G 6 -27.15 2.53 -8.97
N SER G 7 -26.36 3.31 -8.24
CA SER G 7 -25.01 3.65 -8.65
C SER G 7 -24.02 2.58 -8.21
N ASP G 8 -24.48 1.68 -7.34
CA ASP G 8 -23.66 0.56 -6.88
C ASP G 8 -23.36 -0.38 -8.06
N LEU G 9 -24.36 -0.57 -8.92
CA LEU G 9 -24.19 -1.35 -10.14
C LEU G 9 -23.19 -0.69 -11.08
N THR G 10 -23.30 0.63 -11.22
CA THR G 10 -22.38 1.40 -12.05
C THR G 10 -20.96 1.19 -11.57
N ASP G 11 -20.72 1.49 -10.30
CA ASP G 11 -19.40 1.32 -9.71
C ASP G 11 -18.88 -0.09 -9.91
N TYR G 12 -19.74 -1.08 -9.70
CA TYR G 12 -19.34 -2.48 -9.85
C TYR G 12 -18.86 -2.76 -11.27
N VAL G 13 -19.68 -2.43 -12.26
CA VAL G 13 -19.36 -2.68 -13.66
C VAL G 13 -18.10 -1.95 -14.09
N ILE G 14 -18.02 -0.66 -13.79
CA ILE G 14 -16.84 0.13 -14.11
C ILE G 14 -15.58 -0.51 -13.53
N ARG G 15 -15.63 -0.87 -12.25
CA ARG G 15 -14.46 -1.44 -11.58
C ARG G 15 -14.08 -2.82 -12.10
N GLN G 16 -15.06 -3.61 -12.51
CA GLN G 16 -14.77 -4.94 -13.06
C GLN G 16 -14.12 -4.84 -14.42
N LEU G 17 -14.63 -3.93 -15.26
CA LEU G 17 -14.08 -3.72 -16.59
C LEU G 17 -12.87 -2.78 -16.55
N GLY G 18 -12.54 -2.30 -15.35
CA GLY G 18 -11.45 -1.35 -15.19
C GLY G 18 -10.19 -1.84 -14.51
N ARG G 19 -10.03 -3.16 -14.33
CA ARG G 19 -8.84 -3.67 -13.67
C ARG G 19 -7.59 -3.41 -14.51
N THR G 20 -6.42 -3.42 -13.87
CA THR G 20 -5.17 -3.45 -14.63
C THR G 20 -5.15 -4.70 -15.50
N LYS G 21 -4.81 -4.54 -16.78
CA LYS G 21 -4.90 -5.65 -17.74
C LYS G 21 -3.85 -6.73 -17.51
N ASN G 22 -4.29 -7.99 -17.51
CA ASN G 22 -3.37 -9.11 -17.46
C ASN G 22 -2.86 -9.51 -18.83
N LYS G 23 -3.59 -9.16 -19.88
CA LYS G 23 -3.20 -9.51 -21.24
C LYS G 23 -3.38 -8.32 -22.17
N ARG G 24 -3.01 -8.49 -23.43
CA ARG G 24 -3.16 -7.42 -24.40
C ARG G 24 -4.62 -7.30 -24.87
N TYR G 25 -5.22 -8.45 -25.19
CA TYR G 25 -6.51 -8.48 -25.87
C TYR G 25 -7.69 -8.68 -24.92
N GLU G 26 -7.39 -8.83 -23.64
CA GLU G 26 -8.42 -9.11 -22.63
C GLU G 26 -9.56 -8.09 -22.62
N ALA G 27 -9.21 -6.82 -22.46
CA ALA G 27 -10.19 -5.75 -22.31
C ALA G 27 -11.17 -5.69 -23.49
N TYR G 28 -10.66 -5.83 -24.70
CA TYR G 28 -11.50 -5.75 -25.90
C TYR G 28 -12.57 -6.83 -25.86
N VAL G 29 -12.11 -8.07 -25.78
CA VAL G 29 -12.98 -9.24 -25.77
C VAL G 29 -14.04 -9.15 -24.66
N VAL G 30 -13.58 -8.96 -23.43
CA VAL G 30 -14.48 -8.94 -22.28
C VAL G 30 -15.53 -7.82 -22.39
N SER G 31 -15.06 -6.61 -22.65
CA SER G 31 -15.96 -5.47 -22.78
C SER G 31 -16.99 -5.74 -23.87
N ARG G 32 -16.52 -6.23 -25.01
CA ARG G 32 -17.42 -6.53 -26.12
C ARG G 32 -18.50 -7.53 -25.72
N ILE G 33 -18.06 -8.61 -25.07
CA ILE G 33 -19.00 -9.64 -24.62
C ILE G 33 -20.07 -9.04 -23.71
N ILE G 34 -19.65 -8.33 -22.67
CA ILE G 34 -20.60 -7.69 -21.75
C ILE G 34 -21.57 -6.79 -22.49
N HIS G 35 -21.05 -5.83 -23.25
CA HIS G 35 -21.88 -4.85 -23.95
C HIS G 35 -22.88 -5.48 -24.92
N LEU G 36 -22.47 -6.52 -25.63
CA LEU G 36 -23.37 -7.16 -26.59
C LEU G 36 -24.41 -8.01 -25.90
N LEU G 37 -24.02 -8.64 -24.79
CA LEU G 37 -24.96 -9.41 -23.99
C LEU G 37 -26.07 -8.49 -23.49
N ASN G 38 -25.67 -7.37 -22.90
CA ASN G 38 -26.59 -6.33 -22.44
C ASN G 38 -27.61 -6.85 -21.43
N ASP G 39 -27.26 -7.93 -20.75
CA ASP G 39 -28.11 -8.45 -19.69
C ASP G 39 -27.36 -8.30 -18.37
N PHE G 40 -27.78 -7.35 -17.55
CA PHE G 40 -27.11 -7.09 -16.28
C PHE G 40 -27.80 -7.81 -15.14
N THR G 41 -28.80 -8.63 -15.46
CA THR G 41 -29.35 -9.55 -14.49
C THR G 41 -28.34 -10.67 -14.26
N LEU G 42 -27.38 -10.78 -15.18
CA LEU G 42 -26.29 -11.75 -15.07
C LEU G 42 -25.06 -11.13 -14.43
N LYS G 43 -24.75 -11.54 -13.21
CA LYS G 43 -23.54 -11.08 -12.53
C LYS G 43 -22.33 -11.67 -13.23
N PHE G 44 -21.26 -10.88 -13.34
CA PHE G 44 -20.01 -11.37 -13.93
C PHE G 44 -18.82 -10.94 -13.08
N VAL G 45 -17.71 -11.67 -13.22
CA VAL G 45 -16.48 -11.37 -12.49
C VAL G 45 -15.29 -11.45 -13.44
N THR G 46 -14.38 -10.48 -13.34
CA THR G 46 -13.19 -10.48 -14.19
C THR G 46 -11.96 -10.87 -13.39
N GLN G 47 -11.04 -11.58 -14.05
CA GLN G 47 -9.79 -12.02 -13.45
C GLN G 47 -10.07 -12.90 -12.24
N GLN G 48 -11.08 -13.77 -12.37
CA GLN G 48 -11.48 -14.64 -11.29
C GLN G 48 -10.42 -15.71 -11.01
N PHE G 49 -9.98 -15.80 -9.75
CA PHE G 49 -9.00 -16.82 -9.36
C PHE G 49 -9.67 -18.19 -9.24
N VAL G 50 -9.06 -19.20 -9.84
CA VAL G 50 -9.60 -20.55 -9.82
C VAL G 50 -8.57 -21.54 -9.31
N ARG G 51 -9.08 -22.58 -8.62
CA ARG G 51 -8.25 -23.63 -8.03
C ARG G 51 -8.02 -24.75 -9.05
N LEU G 52 -6.75 -24.91 -9.42
CA LEU G 52 -6.33 -25.97 -10.34
C LEU G 52 -6.15 -27.31 -9.63
N SER G 53 -6.39 -28.39 -10.36
CA SER G 53 -6.15 -29.71 -9.82
C SER G 53 -4.66 -29.90 -9.49
N ASN G 54 -3.78 -29.29 -10.29
CA ASN G 54 -2.33 -29.31 -10.04
C ASN G 54 -2.00 -28.57 -8.74
N LYS G 55 -3.00 -27.82 -8.25
CA LYS G 55 -3.01 -27.02 -7.03
C LYS G 55 -2.39 -25.63 -7.15
N LYS G 56 -1.81 -25.30 -8.30
CA LYS G 56 -1.39 -23.92 -8.54
C LYS G 56 -2.63 -23.05 -8.74
N ILE G 57 -2.48 -21.74 -8.59
CA ILE G 57 -3.60 -20.84 -8.79
C ILE G 57 -3.65 -20.40 -10.25
N ALA G 58 -4.84 -20.45 -10.85
CA ALA G 58 -5.01 -19.99 -12.23
C ALA G 58 -6.03 -18.87 -12.25
N LEU G 59 -6.16 -18.17 -13.37
CA LEU G 59 -7.20 -17.15 -13.45
C LEU G 59 -7.93 -17.15 -14.79
N THR G 60 -9.20 -16.77 -14.74
CA THR G 60 -9.99 -16.62 -15.95
C THR G 60 -10.37 -15.16 -16.14
N ASP G 61 -10.53 -14.76 -17.39
CA ASP G 61 -10.76 -13.36 -17.70
C ASP G 61 -12.21 -12.91 -17.48
N LEU G 62 -13.16 -13.82 -17.68
CA LEU G 62 -14.55 -13.49 -17.40
C LEU G 62 -15.32 -14.67 -16.78
N TYR G 63 -16.05 -14.41 -15.70
CA TYR G 63 -16.77 -15.47 -14.98
C TYR G 63 -18.22 -15.12 -14.67
N PHE G 64 -19.15 -15.92 -15.21
CA PHE G 64 -20.56 -15.82 -14.83
C PHE G 64 -20.90 -16.93 -13.81
N PRO G 65 -21.03 -16.54 -12.54
CA PRO G 65 -21.25 -17.46 -11.41
C PRO G 65 -22.60 -18.15 -11.48
N GLN G 66 -23.63 -17.41 -11.86
CA GLN G 66 -24.98 -17.95 -11.90
C GLN G 66 -25.07 -19.05 -12.94
N LEU G 67 -24.30 -18.90 -14.01
CA LEU G 67 -24.29 -19.91 -15.06
C LEU G 67 -23.12 -20.89 -14.96
N GLY G 68 -22.21 -20.62 -14.03
CA GLY G 68 -20.98 -21.39 -13.95
C GLY G 68 -20.24 -21.45 -15.28
N ILE G 69 -20.10 -20.29 -15.93
CA ILE G 69 -19.47 -20.26 -17.25
C ILE G 69 -18.30 -19.29 -17.31
N HIS G 70 -17.16 -19.75 -17.83
CA HIS G 70 -15.98 -18.91 -17.94
C HIS G 70 -15.62 -18.60 -19.38
N ILE G 71 -14.90 -17.50 -19.57
CA ILE G 71 -14.36 -17.12 -20.87
C ILE G 71 -12.93 -16.65 -20.69
N GLU G 72 -12.04 -17.21 -21.49
CA GLU G 72 -10.60 -16.95 -21.41
C GLU G 72 -10.03 -16.65 -22.79
N VAL G 73 -9.18 -15.65 -22.88
CA VAL G 73 -8.62 -15.33 -24.18
C VAL G 73 -7.28 -16.00 -24.32
N ASP G 74 -7.12 -16.71 -25.43
CA ASP G 74 -5.90 -17.42 -25.75
C ASP G 74 -5.02 -16.54 -26.60
N GLU G 75 -3.93 -16.04 -26.01
CA GLU G 75 -2.82 -15.52 -26.78
C GLU G 75 -1.65 -16.33 -26.28
N GLY G 76 -1.11 -17.16 -27.17
CA GLY G 76 -0.05 -18.07 -26.80
C GLY G 76 1.11 -17.32 -26.19
N HIS G 77 1.67 -17.88 -25.13
CA HIS G 77 2.98 -17.50 -24.65
C HIS G 77 3.21 -16.01 -24.40
N HIS G 78 4.14 -15.51 -25.19
CA HIS G 78 4.84 -14.27 -24.93
C HIS G 78 4.00 -13.05 -24.63
N PHE G 79 2.81 -12.91 -25.21
CA PHE G 79 2.37 -11.54 -25.33
C PHE G 79 1.74 -11.15 -24.01
N LEU G 80 2.66 -10.68 -23.17
CA LEU G 80 2.41 -9.93 -21.96
C LEU G 80 3.79 -9.57 -21.47
N ARG G 81 3.91 -8.46 -20.77
CA ARG G 81 5.23 -8.01 -20.43
C ARG G 81 5.21 -7.88 -18.93
N ASN G 82 6.16 -8.53 -18.27
CA ASN G 82 6.42 -8.33 -16.85
C ASN G 82 5.25 -8.62 -15.88
N SER G 83 4.64 -9.79 -16.02
CA SER G 83 3.66 -10.23 -15.02
C SER G 83 3.99 -11.63 -14.52
N LYS G 84 3.35 -12.04 -13.42
CA LYS G 84 3.66 -13.28 -12.72
C LYS G 84 2.96 -14.48 -13.36
N MET G 85 2.22 -14.20 -14.41
CA MET G 85 1.48 -15.21 -15.13
C MET G 85 2.39 -16.13 -15.95
N GLU G 86 1.92 -17.35 -16.21
CA GLU G 86 2.69 -18.35 -16.93
C GLU G 86 1.80 -19.23 -17.79
N TYR G 87 2.27 -19.52 -19.00
CA TYR G 87 1.53 -20.32 -19.98
C TYR G 87 1.85 -21.81 -19.79
N SER G 88 0.82 -22.63 -19.70
CA SER G 88 0.98 -24.06 -19.46
C SER G 88 -0.25 -24.81 -19.95
N LEU G 89 -0.13 -26.13 -20.15
CA LEU G 89 -1.27 -26.93 -20.55
C LEU G 89 -1.83 -27.72 -19.37
N ASN G 90 -3.14 -27.89 -19.37
CA ASN G 90 -3.87 -28.59 -18.30
C ASN G 90 -5.11 -29.27 -18.89
N GLN G 91 -6.02 -29.70 -18.02
CA GLN G 91 -7.34 -30.18 -18.47
C GLN G 91 -8.05 -29.12 -19.32
N ILE G 92 -8.87 -29.58 -20.27
CA ILE G 92 -9.61 -28.71 -21.18
C ILE G 92 -10.44 -27.64 -20.48
N ASP G 93 -11.09 -28.02 -19.40
CA ASP G 93 -12.03 -27.15 -18.71
C ASP G 93 -11.27 -26.31 -17.69
N GLU G 94 -9.95 -26.39 -17.76
CA GLU G 94 -9.08 -25.56 -16.92
C GLU G 94 -8.30 -24.57 -17.81
N PRO G 95 -8.04 -23.36 -17.30
CA PRO G 95 -7.38 -22.28 -18.04
C PRO G 95 -5.92 -22.56 -18.40
N LEU G 96 -5.42 -21.86 -19.40
CA LEU G 96 -4.06 -22.07 -19.90
C LEU G 96 -3.05 -21.18 -19.21
N TYR G 97 -3.56 -20.32 -18.33
CA TYR G 97 -2.73 -19.33 -17.66
C TYR G 97 -2.75 -19.53 -16.16
N SER G 98 -1.59 -19.48 -15.52
CA SER G 98 -1.54 -19.73 -14.08
C SER G 98 -0.48 -18.90 -13.39
N ILE G 99 -0.39 -19.05 -12.08
CA ILE G 99 0.62 -18.37 -11.29
C ILE G 99 1.68 -19.38 -10.83
N SER G 100 2.93 -18.96 -10.86
CA SER G 100 4.01 -19.78 -10.32
C SER G 100 3.75 -20.06 -8.85
N GLN G 101 4.08 -21.27 -8.42
CA GLN G 101 3.83 -21.72 -7.06
C GLN G 101 4.40 -20.73 -6.03
N THR G 102 5.54 -20.12 -6.37
CA THR G 102 6.16 -19.12 -5.50
C THR G 102 5.20 -17.97 -5.16
N GLU G 103 4.54 -17.41 -6.17
CA GLU G 103 3.61 -16.31 -5.94
C GLU G 103 2.19 -16.80 -5.67
N SER G 104 1.97 -18.10 -5.85
CA SER G 104 0.66 -18.69 -5.54
C SER G 104 0.42 -18.65 -4.04
N ASP G 105 1.47 -18.92 -3.27
CA ASP G 105 1.34 -18.95 -1.82
C ASP G 105 1.29 -17.54 -1.24
N ALA G 106 1.66 -16.55 -2.03
CA ALA G 106 1.54 -15.15 -1.62
C ALA G 106 0.12 -14.65 -1.83
N MET G 107 -0.62 -15.35 -2.70
CA MET G 107 -2.00 -15.01 -3.00
C MET G 107 -3.04 -15.86 -2.26
N ARG G 108 -2.57 -16.68 -1.31
CA ARG G 108 -3.42 -17.62 -0.55
C ARG G 108 -4.76 -17.06 -0.06
N GLU G 109 -4.73 -15.82 0.42
CA GLU G 109 -5.90 -15.21 1.05
C GLU G 109 -6.98 -14.81 0.05
N GLU G 110 -6.63 -14.73 -1.23
CA GLU G 110 -7.57 -14.28 -2.25
C GLU G 110 -8.70 -15.27 -2.46
N ASP G 111 -9.78 -14.82 -3.08
CA ASP G 111 -10.94 -15.69 -3.28
C ASP G 111 -10.66 -16.64 -4.43
N ILE G 112 -10.58 -17.92 -4.11
CA ILE G 112 -10.16 -18.95 -5.05
C ILE G 112 -11.22 -20.05 -5.06
N ILE G 113 -11.77 -20.32 -6.23
CA ILE G 113 -12.96 -21.17 -6.31
C ILE G 113 -12.74 -22.48 -7.05
N SER G 114 -13.57 -23.46 -6.74
CA SER G 114 -13.56 -24.73 -7.43
C SER G 114 -14.23 -24.57 -8.79
N ILE G 115 -13.55 -25.03 -9.84
CA ILE G 115 -14.13 -24.95 -11.18
C ILE G 115 -14.78 -26.24 -11.67
N THR G 116 -14.81 -27.27 -10.84
CA THR G 116 -15.38 -28.54 -11.28
C THR G 116 -16.86 -28.37 -11.62
N GLY G 117 -17.22 -28.75 -12.84
CA GLY G 117 -18.59 -28.59 -13.31
C GLY G 117 -18.74 -27.39 -14.22
N HIS G 118 -17.79 -26.45 -14.10
CA HIS G 118 -17.83 -25.22 -14.89
C HIS G 118 -17.26 -25.43 -16.29
N LYS G 119 -17.88 -24.79 -17.27
CA LYS G 119 -17.43 -24.87 -18.66
C LYS G 119 -16.59 -23.65 -19.00
N ILE G 120 -15.52 -23.86 -19.77
CA ILE G 120 -14.64 -22.76 -20.19
C ILE G 120 -14.66 -22.58 -21.70
N PHE G 121 -14.95 -21.36 -22.15
CA PHE G 121 -14.85 -21.03 -23.56
C PHE G 121 -13.58 -20.24 -23.83
N ARG G 122 -12.97 -20.48 -24.99
CA ARG G 122 -11.73 -19.81 -25.34
C ARG G 122 -11.87 -18.94 -26.56
N VAL G 123 -11.13 -17.83 -26.57
CA VAL G 123 -11.06 -16.97 -27.74
C VAL G 123 -9.63 -16.90 -28.25
N ASN G 124 -9.37 -17.51 -29.40
CA ASN G 124 -8.00 -17.52 -29.92
C ASN G 124 -7.79 -16.33 -30.83
N VAL G 125 -6.95 -15.40 -30.38
CA VAL G 125 -6.84 -14.11 -31.05
C VAL G 125 -5.74 -14.08 -32.13
N PHE G 126 -4.92 -15.11 -32.20
CA PHE G 126 -3.82 -15.14 -33.16
C PHE G 126 -4.02 -16.25 -34.18
N LYS G 127 -3.94 -15.91 -35.47
CA LYS G 127 -4.02 -16.90 -36.55
C LYS G 127 -2.95 -17.96 -36.36
N ASN G 128 -1.76 -17.48 -36.03
CA ASN G 128 -0.56 -18.28 -35.93
C ASN G 128 0.39 -17.58 -34.95
N GLN G 129 1.47 -18.24 -34.57
CA GLN G 129 2.39 -17.76 -33.53
C GLN G 129 3.10 -16.48 -34.02
N GLU G 130 3.97 -15.93 -33.16
CA GLU G 130 4.77 -14.71 -33.40
C GLU G 130 3.93 -13.47 -33.11
N GLY G 131 2.66 -13.68 -32.78
CA GLY G 131 1.81 -12.58 -32.34
C GLY G 131 1.02 -11.92 -33.46
N GLN G 132 1.04 -12.54 -34.64
CA GLN G 132 0.17 -12.08 -35.73
C GLN G 132 -1.27 -12.24 -35.32
N PRO G 133 -2.01 -11.11 -35.28
CA PRO G 133 -3.41 -11.05 -34.84
C PRO G 133 -4.36 -11.62 -35.86
N GLN G 134 -5.48 -12.17 -35.42
CA GLN G 134 -6.52 -12.68 -36.31
C GLN G 134 -7.51 -11.57 -36.63
N ASN G 135 -8.01 -11.53 -37.86
CA ASN G 135 -8.93 -10.47 -38.26
C ASN G 135 -10.19 -10.46 -37.40
N LEU G 136 -10.74 -9.26 -37.19
CA LEU G 136 -11.84 -9.04 -36.27
C LEU G 136 -13.10 -9.83 -36.58
N GLU G 137 -13.19 -10.29 -37.82
CA GLU G 137 -14.35 -11.06 -38.27
C GLU G 137 -14.59 -12.30 -37.40
N ASN G 138 -13.67 -13.26 -37.47
CA ASN G 138 -13.85 -14.52 -36.77
C ASN G 138 -13.78 -14.35 -35.25
N ILE G 139 -13.15 -13.26 -34.81
CA ILE G 139 -13.13 -12.94 -33.38
C ILE G 139 -14.54 -12.58 -32.91
N HIS G 140 -15.19 -11.71 -33.68
CA HIS G 140 -16.58 -11.35 -33.40
C HIS G 140 -17.49 -12.55 -33.52
N GLN G 141 -17.14 -13.47 -34.43
CA GLN G 141 -17.88 -14.72 -34.57
C GLN G 141 -17.79 -15.53 -33.28
N GLN G 142 -16.57 -15.71 -32.79
CA GLN G 142 -16.33 -16.44 -31.55
C GLN G 142 -17.09 -15.82 -30.38
N ILE G 143 -17.00 -14.51 -30.25
CA ILE G 143 -17.70 -13.81 -29.18
C ILE G 143 -19.22 -14.01 -29.31
N ASP G 144 -19.74 -13.91 -30.52
CA ASP G 144 -21.17 -14.08 -30.75
C ASP G 144 -21.65 -15.48 -30.37
N LYS G 145 -20.90 -16.51 -30.76
CA LYS G 145 -21.33 -17.87 -30.42
C LYS G 145 -21.22 -18.10 -28.92
N ILE G 146 -20.24 -17.45 -28.30
CA ILE G 146 -20.12 -17.51 -26.85
C ILE G 146 -21.36 -16.92 -26.17
N ILE G 147 -21.73 -15.70 -26.57
CA ILE G 147 -22.89 -15.01 -26.04
C ILE G 147 -24.15 -15.83 -26.25
N GLU G 148 -24.26 -16.43 -27.43
CA GLU G 148 -25.41 -17.26 -27.74
C GLU G 148 -25.49 -18.42 -26.77
N GLU G 149 -24.34 -19.05 -26.51
CA GLU G 149 -24.29 -20.18 -25.60
C GLU G 149 -24.68 -19.74 -24.19
N ILE G 150 -24.25 -18.53 -23.82
CA ILE G 150 -24.57 -17.94 -22.52
C ILE G 150 -26.08 -17.75 -22.34
N LYS G 151 -26.70 -17.13 -23.33
CA LYS G 151 -28.15 -16.93 -23.31
C LYS G 151 -28.89 -18.26 -23.26
N THR G 152 -28.43 -19.25 -24.02
CA THR G 152 -29.07 -20.56 -24.01
C THR G 152 -28.97 -21.20 -22.62
N ALA G 153 -27.83 -20.99 -21.95
CA ALA G 153 -27.65 -21.50 -20.60
C ALA G 153 -28.61 -20.82 -19.62
N LYS G 154 -28.69 -19.49 -19.70
CA LYS G 154 -29.60 -18.74 -18.84
C LYS G 154 -31.04 -19.19 -19.05
N ASN G 155 -31.40 -19.43 -20.31
CA ASN G 155 -32.74 -19.91 -20.64
C ASN G 155 -32.98 -21.30 -20.06
N LYS G 156 -31.93 -22.11 -20.09
CA LYS G 156 -31.98 -23.45 -19.54
C LYS G 156 -32.23 -23.38 -18.03
N LEU G 157 -31.70 -22.35 -17.39
CA LEU G 157 -31.93 -22.17 -15.96
C LEU G 157 -33.29 -21.54 -15.61
N ILE G 158 -33.77 -20.60 -16.43
CA ILE G 158 -34.99 -19.87 -16.09
C ILE G 158 -36.25 -20.71 -16.26
N GLU G 159 -36.19 -21.74 -17.10
CA GLU G 159 -37.34 -22.61 -17.31
C GLU G 159 -37.40 -23.70 -16.24
N ALA G 160 -36.29 -23.87 -15.53
CA ALA G 160 -36.22 -24.82 -14.43
C ALA G 160 -36.49 -24.10 -13.11
N SER G 161 -36.72 -22.79 -13.21
CA SER G 161 -36.99 -21.91 -12.07
C SER G 161 -35.85 -21.92 -11.06
N THR G 162 -34.65 -22.26 -11.52
CA THR G 162 -33.44 -22.17 -10.71
C THR G 162 -32.88 -20.75 -10.69
N PHE G 163 -32.98 -20.07 -11.84
CA PHE G 163 -32.37 -18.76 -12.01
C PHE G 163 -33.01 -17.67 -11.16
N LYS G 164 -32.17 -16.97 -10.40
CA LYS G 164 -32.61 -15.84 -9.59
C LYS G 164 -31.80 -14.61 -10.00
N GLU G 165 -32.51 -13.53 -10.32
CA GLU G 165 -31.88 -12.33 -10.90
C GLU G 165 -30.90 -11.70 -9.93
N TRP G 166 -29.95 -10.95 -10.47
CA TRP G 166 -28.88 -10.37 -9.67
C TRP G 166 -29.25 -9.02 -9.10
N ASN G 167 -29.08 -8.87 -7.79
CA ASN G 167 -29.32 -7.61 -7.11
C ASN G 167 -28.22 -7.31 -6.09
N ILE G 168 -27.56 -6.17 -6.26
CA ILE G 168 -26.45 -5.79 -5.39
C ILE G 168 -26.89 -5.59 -3.95
N GLU G 169 -28.00 -4.88 -3.78
CA GLU G 169 -28.47 -4.52 -2.44
C GLU G 169 -28.95 -5.71 -1.62
N THR G 170 -29.51 -6.73 -2.28
CA THR G 170 -30.06 -7.88 -1.58
C THR G 170 -29.15 -9.11 -1.51
N GLU G 171 -28.00 -9.09 -2.19
CA GLU G 171 -27.19 -10.31 -2.28
C GLU G 171 -26.32 -10.56 -1.05
N TYR G 172 -25.88 -9.49 -0.38
CA TYR G 172 -25.05 -9.61 0.82
C TYR G 172 -25.86 -9.51 2.11
N ASN G 173 -27.18 -9.38 1.97
CA ASN G 173 -28.09 -9.26 3.10
C ASN G 173 -28.63 -10.62 3.55
N PRO G 174 -28.35 -11.00 4.81
CA PRO G 174 -28.81 -12.24 5.43
C PRO G 174 -30.31 -12.49 5.30
N GLN G 175 -31.08 -11.43 5.49
CA GLN G 175 -32.54 -11.52 5.45
C GLN G 175 -33.04 -12.06 4.12
N THR G 176 -32.26 -11.85 3.06
CA THR G 176 -32.58 -12.40 1.76
C THR G 176 -32.64 -13.92 1.86
N TYR G 177 -31.60 -14.49 2.46
CA TYR G 177 -31.44 -15.93 2.54
C TYR G 177 -32.31 -16.56 3.63
N ILE G 178 -32.69 -15.76 4.62
CA ILE G 178 -33.64 -16.22 5.62
C ILE G 178 -35.05 -16.35 5.03
N ASP G 179 -35.37 -15.43 4.11
CA ASP G 179 -36.65 -15.46 3.39
C ASP G 179 -36.72 -16.57 2.36
N LEU G 180 -35.57 -17.13 2.00
CA LEU G 180 -35.45 -17.98 0.82
C LEU G 180 -36.01 -19.42 0.92
N GLY G 181 -35.79 -20.16 2.02
CA GLY G 181 -34.96 -19.83 3.15
C GLY G 181 -33.65 -20.58 3.23
N ARG G 182 -33.16 -21.04 2.08
CA ARG G 182 -31.94 -21.85 2.05
C ARG G 182 -30.71 -21.11 1.51
N ILE G 183 -29.54 -21.45 2.03
CA ILE G 183 -28.27 -21.04 1.43
C ILE G 183 -27.69 -22.19 0.61
N SER G 184 -27.39 -21.92 -0.66
CA SER G 184 -26.90 -22.95 -1.56
C SER G 184 -25.58 -22.55 -2.23
N LEU G 185 -24.90 -23.54 -2.81
CA LEU G 185 -23.71 -23.30 -3.62
C LEU G 185 -24.09 -22.77 -4.98
N ALA G 186 -25.27 -23.19 -5.45
CA ALA G 186 -25.78 -22.78 -6.75
C ALA G 186 -26.00 -21.28 -6.82
N ASP G 187 -26.29 -20.68 -5.68
CA ASP G 187 -26.52 -19.23 -5.60
C ASP G 187 -25.23 -18.46 -5.38
N ASN G 188 -24.12 -19.20 -5.25
CA ASN G 188 -22.80 -18.61 -5.07
C ASN G 188 -22.80 -17.56 -3.96
N VAL G 189 -23.10 -18.00 -2.74
CA VAL G 189 -23.35 -17.09 -1.64
C VAL G 189 -22.08 -16.70 -0.92
N VAL G 190 -21.87 -15.40 -0.76
CA VAL G 190 -20.78 -14.88 0.05
C VAL G 190 -21.23 -13.64 0.82
N LEU G 191 -20.88 -13.57 2.10
CA LEU G 191 -21.35 -12.51 2.99
C LEU G 191 -20.18 -11.65 3.49
N LYS G 192 -20.50 -10.43 3.89
CA LYS G 192 -19.47 -9.45 4.22
C LYS G 192 -18.79 -9.69 5.57
N THR G 193 -19.44 -10.43 6.45
CA THR G 193 -18.88 -10.62 7.78
C THR G 193 -19.42 -11.88 8.46
N THR G 194 -18.74 -12.32 9.51
CA THR G 194 -19.17 -13.46 10.30
C THR G 194 -20.54 -13.26 10.93
N LYS G 195 -20.79 -12.07 11.49
CA LYS G 195 -22.04 -11.83 12.20
C LYS G 195 -23.23 -12.03 11.27
N ASP G 196 -23.08 -11.68 9.99
CA ASP G 196 -24.15 -11.90 9.03
C ASP G 196 -24.43 -13.39 8.90
N VAL G 197 -23.37 -14.16 8.69
CA VAL G 197 -23.45 -15.61 8.59
C VAL G 197 -24.18 -16.19 9.80
N CYS G 198 -23.82 -15.73 11.00
CA CYS G 198 -24.45 -16.23 12.21
C CYS G 198 -25.92 -15.83 12.29
N ASN G 199 -26.23 -14.63 11.78
CA ASN G 199 -27.59 -14.11 11.85
C ASN G 199 -28.48 -14.71 10.75
N CYS G 200 -27.89 -15.51 9.87
CA CYS G 200 -28.70 -16.34 8.96
C CYS G 200 -29.30 -17.53 9.68
N PHE G 201 -28.55 -18.04 10.66
CA PHE G 201 -28.91 -19.29 11.33
C PHE G 201 -29.63 -19.13 12.68
N GLY G 202 -30.06 -17.91 12.99
CA GLY G 202 -30.83 -17.67 14.21
C GLY G 202 -30.16 -16.84 15.30
N TYR G 203 -28.96 -16.34 15.03
CA TYR G 203 -28.30 -15.43 15.96
C TYR G 203 -28.75 -13.96 15.79
N SER G 204 -28.72 -13.24 16.90
CA SER G 204 -28.99 -11.80 16.92
C SER G 204 -27.72 -10.92 16.98
N TYR G 205 -26.55 -11.54 16.81
CA TYR G 205 -25.25 -10.90 17.02
C TYR G 205 -25.05 -9.54 16.35
N LYS G 206 -24.57 -8.58 17.14
CA LYS G 206 -24.19 -7.25 16.64
C LYS G 206 -22.79 -7.27 16.01
N ASN G 207 -21.86 -7.99 16.64
CA ASN G 207 -20.53 -8.23 16.07
C ASN G 207 -19.97 -9.57 16.56
N TYR G 208 -19.24 -10.29 15.70
CA TYR G 208 -18.68 -11.57 16.10
C TYR G 208 -17.20 -11.71 15.69
N GLN G 209 -16.33 -11.79 16.68
CA GLN G 209 -14.89 -11.97 16.43
C GLN G 209 -14.36 -13.40 16.62
N ARG G 210 -15.25 -14.34 16.92
CA ARG G 210 -14.84 -15.69 17.31
C ARG G 210 -14.78 -16.63 16.10
N GLY G 211 -13.85 -17.58 16.17
CA GLY G 211 -13.61 -18.51 15.07
C GLY G 211 -14.77 -19.39 14.63
N GLY G 212 -15.75 -19.59 15.51
CA GLY G 212 -16.89 -20.42 15.17
C GLY G 212 -18.00 -20.30 16.19
N ALA G 213 -19.21 -20.67 15.80
CA ALA G 213 -20.36 -20.56 16.70
C ALA G 213 -21.29 -21.74 16.54
N LEU G 214 -21.80 -22.26 17.66
CA LEU G 214 -22.72 -23.39 17.64
C LEU G 214 -23.99 -23.04 16.88
N HIS G 215 -24.56 -24.02 16.17
CA HIS G 215 -25.83 -23.82 15.50
C HIS G 215 -26.93 -23.86 16.54
N PRO G 216 -27.65 -22.75 16.71
CA PRO G 216 -28.67 -22.67 17.75
C PRO G 216 -29.81 -23.68 17.57
N TYR G 217 -30.22 -23.93 16.34
CA TYR G 217 -31.34 -24.85 16.11
C TYR G 217 -30.91 -26.27 15.73
N LYS G 218 -29.60 -26.51 15.60
CA LYS G 218 -29.09 -27.86 15.35
C LYS G 218 -27.93 -28.16 16.30
N LYS G 219 -28.13 -29.15 17.17
CA LYS G 219 -27.16 -29.44 18.22
C LYS G 219 -25.92 -30.15 17.66
N ASP G 220 -26.09 -30.79 16.50
CA ASP G 220 -25.02 -31.58 15.90
C ASP G 220 -24.18 -30.80 14.89
N THR G 221 -24.46 -29.51 14.73
CA THR G 221 -23.81 -28.71 13.69
C THR G 221 -23.13 -27.46 14.23
N LEU G 222 -21.98 -27.12 13.65
CA LEU G 222 -21.20 -25.95 14.05
C LEU G 222 -20.91 -25.03 12.87
N ILE G 223 -21.16 -23.74 13.05
CA ILE G 223 -20.83 -22.76 12.02
C ILE G 223 -19.35 -22.38 12.13
N TRP G 224 -18.62 -22.57 11.05
CA TRP G 224 -17.16 -22.45 11.05
C TRP G 224 -16.65 -21.49 9.98
N PHE G 225 -15.72 -20.62 10.36
CA PHE G 225 -15.16 -19.65 9.41
C PHE G 225 -13.65 -19.82 9.29
N PRO G 226 -13.21 -20.90 8.63
CA PRO G 226 -11.79 -21.21 8.52
C PRO G 226 -11.06 -20.40 7.47
N ARG G 227 -9.77 -20.19 7.65
CA ARG G 227 -8.90 -19.85 6.54
C ARG G 227 -8.49 -21.17 5.91
N LEU G 228 -8.79 -21.34 4.63
CA LEU G 228 -8.56 -22.61 3.95
C LEU G 228 -7.15 -22.70 3.39
N TYR G 229 -6.32 -21.74 3.78
CA TYR G 229 -4.89 -21.78 3.53
C TYR G 229 -4.14 -21.92 4.84
N GLU G 230 -2.82 -21.86 4.76
CA GLU G 230 -1.97 -21.95 5.95
C GLU G 230 -1.74 -20.57 6.56
N ASN G 231 -1.87 -20.48 7.89
CA ASN G 231 -1.46 -19.28 8.62
C ASN G 231 -0.63 -19.71 9.83
N LYS G 232 -0.28 -18.75 10.70
CA LYS G 232 0.64 -19.06 11.79
C LYS G 232 0.05 -20.05 12.80
N ASP G 233 -1.24 -19.92 13.06
CA ASP G 233 -1.90 -20.80 14.03
C ASP G 233 -2.25 -22.16 13.43
N TRP G 234 -2.80 -22.16 12.22
CA TRP G 234 -3.35 -23.37 11.63
C TRP G 234 -2.79 -23.69 10.25
N ILE G 235 -2.83 -24.96 9.89
CA ILE G 235 -2.55 -25.39 8.53
C ILE G 235 -3.78 -26.09 7.98
N ASN G 236 -4.45 -25.43 7.04
CA ASN G 236 -5.73 -25.92 6.52
C ASN G 236 -5.70 -25.99 5.01
N THR G 237 -6.31 -27.02 4.44
CA THR G 237 -6.39 -27.14 2.99
C THR G 237 -7.78 -27.53 2.52
N ILE G 238 -8.08 -27.19 1.27
CA ILE G 238 -9.31 -27.63 0.65
C ILE G 238 -9.01 -28.16 -0.76
N SER G 239 -9.59 -29.31 -1.08
CA SER G 239 -9.36 -29.94 -2.36
C SER G 239 -9.88 -29.07 -3.49
N PRO G 240 -9.21 -29.11 -4.66
CA PRO G 240 -9.64 -28.38 -5.86
C PRO G 240 -11.10 -28.61 -6.25
N ASP G 241 -11.69 -29.73 -5.85
CA ASP G 241 -13.10 -29.99 -6.10
C ASP G 241 -13.94 -29.59 -4.88
N GLY G 242 -13.28 -29.19 -3.81
CA GLY G 242 -13.96 -28.73 -2.61
C GLY G 242 -14.67 -29.80 -1.82
N LEU G 243 -14.40 -31.06 -2.15
CA LEU G 243 -15.04 -32.18 -1.48
C LEU G 243 -14.32 -32.58 -0.21
N THR G 244 -13.08 -32.12 -0.05
CA THR G 244 -12.26 -32.53 1.08
C THR G 244 -11.56 -31.35 1.73
N ILE G 245 -11.78 -31.18 3.04
CA ILE G 245 -11.10 -30.14 3.79
C ILE G 245 -10.30 -30.72 4.93
N THR G 246 -9.00 -30.45 4.95
CA THR G 246 -8.13 -30.97 6.01
C THR G 246 -7.77 -29.85 6.98
N GLU G 247 -7.77 -30.19 8.27
CA GLU G 247 -7.42 -29.24 9.31
C GLU G 247 -6.32 -29.76 10.23
N LYS G 248 -5.27 -28.97 10.39
CA LYS G 248 -4.18 -29.34 11.31
C LYS G 248 -3.69 -28.09 12.02
N SER G 249 -2.93 -28.29 13.10
CA SER G 249 -2.36 -27.16 13.80
C SER G 249 -0.85 -27.17 13.63
N THR G 250 -0.25 -25.98 13.61
CA THR G 250 1.18 -25.84 13.42
C THR G 250 1.97 -26.53 14.52
N ASP G 251 1.46 -26.43 15.75
CA ASP G 251 2.09 -27.09 16.89
C ASP G 251 1.40 -28.41 17.19
N GLU G 252 2.18 -29.40 17.58
CA GLU G 252 1.65 -30.74 17.86
C GLU G 252 1.05 -30.83 19.26
N THR G 253 1.40 -29.90 20.15
CA THR G 253 0.81 -29.86 21.48
C THR G 253 -0.62 -29.34 21.40
N ILE G 254 -0.81 -28.33 20.55
CA ILE G 254 -2.14 -27.83 20.23
C ILE G 254 -2.94 -28.92 19.55
N THR G 255 -2.20 -29.76 18.83
CA THR G 255 -2.75 -30.82 18.00
C THR G 255 -3.30 -31.98 18.85
N LEU G 256 -2.53 -32.44 19.82
CA LEU G 256 -2.96 -33.57 20.64
C LEU G 256 -4.18 -33.22 21.49
N LYS G 257 -4.39 -31.91 21.70
CA LYS G 257 -5.49 -31.44 22.52
C LYS G 257 -6.80 -31.37 21.73
N LYS G 258 -6.70 -31.39 20.41
CA LYS G 258 -7.87 -31.22 19.54
C LYS G 258 -8.46 -32.53 19.04
N LEU G 259 -7.85 -33.66 19.36
CA LEU G 259 -8.33 -34.92 18.78
C LEU G 259 -9.61 -35.42 19.43
N GLU G 260 -9.63 -35.45 20.76
CA GLU G 260 -10.81 -35.91 21.47
C GLU G 260 -11.91 -34.87 21.35
N GLU G 261 -11.52 -33.61 21.23
CA GLU G 261 -12.48 -32.52 21.02
C GLU G 261 -13.25 -32.75 19.73
N TRP G 262 -12.55 -33.23 18.71
CA TRP G 262 -13.18 -33.48 17.43
C TRP G 262 -13.97 -34.78 17.41
N LYS G 263 -13.41 -35.84 17.99
CA LYS G 263 -14.04 -37.14 17.84
C LYS G 263 -15.39 -37.21 18.56
N ASN G 264 -15.51 -36.59 19.73
CA ASN G 264 -16.81 -36.52 20.41
C ASN G 264 -17.57 -35.20 20.23
N GLY G 265 -16.99 -34.23 19.53
CA GLY G 265 -17.62 -32.93 19.34
C GLY G 265 -18.72 -32.95 18.30
N PRO G 266 -19.30 -31.77 17.97
CA PRO G 266 -20.32 -31.72 16.93
C PRO G 266 -19.76 -32.18 15.59
N GLN G 267 -20.45 -33.12 14.96
CA GLN G 267 -19.88 -33.87 13.83
C GLN G 267 -20.14 -33.21 12.48
N LYS G 268 -20.99 -32.21 12.45
CA LYS G 268 -21.25 -31.50 11.21
C LYS G 268 -20.81 -30.05 11.31
N ARG G 269 -20.30 -29.51 10.21
CA ARG G 269 -19.87 -28.13 10.17
C ARG G 269 -20.37 -27.42 8.93
N ILE G 270 -21.11 -26.34 9.13
CA ILE G 270 -21.46 -25.42 8.07
C ILE G 270 -20.28 -24.50 7.84
N VAL G 271 -19.71 -24.53 6.64
CA VAL G 271 -18.44 -23.87 6.41
C VAL G 271 -18.54 -22.63 5.54
N PHE G 272 -18.10 -21.50 6.10
CA PHE G 272 -17.94 -20.26 5.35
C PHE G 272 -16.48 -19.84 5.40
N ALA G 273 -15.79 -19.91 4.27
CA ALA G 273 -14.34 -19.68 4.25
C ALA G 273 -14.01 -18.20 4.14
N ARG G 274 -12.98 -17.79 4.88
CA ARG G 274 -12.56 -16.38 4.85
C ARG G 274 -11.74 -16.11 3.59
N VAL G 275 -12.23 -15.19 2.76
CA VAL G 275 -11.58 -14.85 1.50
C VAL G 275 -11.46 -13.34 1.35
N LYS G 276 -10.45 -12.88 0.62
CA LYS G 276 -10.33 -11.47 0.28
C LYS G 276 -11.37 -11.09 -0.77
N ASP G 277 -11.91 -9.87 -0.67
CA ASP G 277 -12.82 -9.35 -1.69
C ASP G 277 -12.05 -9.18 -3.00
N ASN G 278 -12.66 -9.55 -4.13
CA ASN G 278 -11.96 -9.52 -5.41
C ASN G 278 -11.66 -8.06 -5.81
N LEU G 279 -12.59 -7.18 -5.46
CA LEU G 279 -12.41 -5.73 -5.48
C LEU G 279 -12.31 -5.18 -4.04
N SER G 280 -11.26 -4.40 -3.74
CA SER G 280 -11.14 -3.59 -2.49
C SER G 280 -10.59 -4.34 -1.25
N SER G 281 -10.31 -5.63 -1.35
CA SER G 281 -9.49 -6.35 -0.36
C SER G 281 -9.99 -6.30 1.09
N ARG G 282 -11.29 -6.50 1.29
CA ARG G 282 -11.81 -6.64 2.64
C ARG G 282 -12.26 -8.08 2.86
N ALA G 283 -12.22 -8.55 4.11
CA ALA G 283 -12.59 -9.93 4.40
C ALA G 283 -14.05 -10.26 4.08
N MET G 284 -14.26 -11.38 3.40
CA MET G 284 -15.61 -11.84 3.07
C MET G 284 -15.70 -13.35 3.28
N TYR G 285 -16.91 -13.87 3.34
CA TYR G 285 -17.09 -15.24 3.81
C TYR G 285 -17.97 -16.05 2.86
N ARG G 286 -17.36 -17.05 2.25
CA ARG G 286 -17.99 -17.77 1.15
C ARG G 286 -18.48 -19.14 1.61
N PHE G 287 -19.71 -19.46 1.26
CA PHE G 287 -20.31 -20.69 1.76
C PHE G 287 -19.76 -21.85 0.95
N MET G 288 -18.99 -22.73 1.61
CA MET G 288 -18.40 -23.87 0.92
C MET G 288 -19.26 -25.13 0.99
N GLY G 289 -20.15 -25.20 1.97
CA GLY G 289 -20.99 -26.37 2.10
C GLY G 289 -21.26 -26.77 3.55
N LEU G 290 -21.89 -27.93 3.69
CA LEU G 290 -22.04 -28.61 4.96
C LEU G 290 -21.21 -29.90 4.91
N TYR G 291 -20.18 -29.94 5.74
CA TYR G 291 -19.23 -31.04 5.79
C TYR G 291 -19.47 -31.87 7.04
N GLU G 292 -19.22 -33.19 6.97
CA GLU G 292 -19.25 -34.00 8.17
C GLU G 292 -17.90 -34.64 8.40
N PHE G 293 -17.52 -34.77 9.67
CA PHE G 293 -16.23 -35.30 10.04
C PHE G 293 -16.11 -36.73 9.54
N GLN G 294 -15.16 -37.00 8.65
CA GLN G 294 -14.87 -38.38 8.29
C GLN G 294 -13.65 -39.00 8.97
N LYS G 295 -12.69 -38.19 9.44
CA LYS G 295 -11.47 -38.80 9.98
C LYS G 295 -10.61 -37.97 10.92
N ALA G 296 -9.82 -38.65 11.75
CA ALA G 296 -8.65 -38.03 12.35
C ALA G 296 -7.47 -39.01 12.34
N ASP G 297 -6.45 -38.68 11.56
CA ASP G 297 -5.16 -39.36 11.59
C ASP G 297 -4.14 -38.27 11.90
N LEU G 298 -3.46 -38.40 13.05
CA LEU G 298 -2.90 -37.22 13.71
C LEU G 298 -1.65 -36.60 13.08
N LYS G 299 -1.02 -37.24 12.10
CA LYS G 299 0.01 -36.51 11.40
C LYS G 299 -0.66 -35.58 10.41
N ASP G 300 -1.78 -36.04 9.87
CA ASP G 300 -2.48 -35.32 8.80
C ASP G 300 -3.67 -34.47 9.27
N GLY G 301 -3.96 -34.50 10.55
CA GLY G 301 -5.07 -33.74 11.11
C GLY G 301 -6.45 -34.27 10.75
N ALA G 302 -7.48 -33.49 11.08
CA ALA G 302 -8.87 -33.86 10.79
C ALA G 302 -9.19 -33.83 9.30
N VAL G 303 -10.01 -34.78 8.88
CA VAL G 303 -10.55 -34.80 7.53
C VAL G 303 -12.07 -34.62 7.54
N TRP G 304 -12.49 -33.48 7.01
CA TRP G 304 -13.88 -33.12 6.83
C TRP G 304 -14.32 -33.30 5.38
N LYS G 305 -15.17 -34.30 5.15
CA LYS G 305 -15.66 -34.58 3.81
C LYS G 305 -17.01 -33.90 3.55
N ARG G 306 -17.24 -33.45 2.32
CA ARG G 306 -18.49 -32.74 2.00
C ARG G 306 -19.66 -33.67 1.68
N VAL G 307 -20.70 -33.55 2.49
CA VAL G 307 -21.93 -34.31 2.31
C VAL G 307 -23.02 -33.42 1.71
N LYS G 308 -23.38 -32.32 2.36
CA LYS G 308 -24.51 -31.51 1.87
C LYS G 308 -24.07 -30.21 1.20
N SER G 309 -24.67 -29.90 0.05
CA SER G 309 -24.32 -28.69 -0.69
C SER G 309 -25.27 -27.52 -0.40
N GLU G 310 -26.24 -27.76 0.48
CA GLU G 310 -27.22 -26.74 0.86
C GLU G 310 -27.49 -26.76 2.37
N VAL G 311 -27.72 -25.59 2.95
CA VAL G 311 -28.08 -25.52 4.37
C VAL G 311 -29.31 -24.65 4.60
N GLN G 312 -30.08 -24.99 5.63
CA GLN G 312 -31.29 -24.25 5.95
C GLN G 312 -31.02 -23.09 6.90
N THR G 313 -31.56 -21.92 6.57
CA THR G 313 -31.41 -20.76 7.45
C THR G 313 -32.54 -20.71 8.46
N TYR G 314 -32.48 -19.75 9.38
CA TYR G 314 -33.50 -19.61 10.41
C TYR G 314 -33.68 -18.16 10.86
N SER G 315 -34.92 -17.77 11.13
CA SER G 315 -35.21 -16.44 11.64
C SER G 315 -34.65 -16.31 13.05
N PRO G 316 -34.20 -15.10 13.42
CA PRO G 316 -33.56 -14.87 14.73
C PRO G 316 -34.39 -15.38 15.91
N LYS G 317 -33.70 -15.92 16.91
CA LYS G 317 -34.34 -16.64 18.01
C LYS G 317 -35.13 -15.71 18.92
N ALA H 5 -3.12 -8.75 -45.00
CA ALA H 5 -2.90 -8.40 -43.60
C ALA H 5 -4.05 -7.58 -43.03
N SER H 6 -5.18 -8.24 -42.78
CA SER H 6 -6.35 -7.58 -42.22
C SER H 6 -6.21 -7.50 -40.71
N SER H 7 -5.06 -7.94 -40.22
CA SER H 7 -4.73 -7.92 -38.81
C SER H 7 -4.40 -6.51 -38.31
N ASP H 8 -3.87 -5.69 -39.21
CA ASP H 8 -3.56 -4.30 -38.89
C ASP H 8 -4.80 -3.59 -38.36
N LEU H 9 -5.95 -3.96 -38.89
CA LEU H 9 -7.23 -3.46 -38.42
C LEU H 9 -7.37 -3.73 -36.93
N THR H 10 -7.29 -5.01 -36.57
CA THR H 10 -7.54 -5.41 -35.19
C THR H 10 -6.52 -4.81 -34.24
N ASP H 11 -5.25 -4.77 -34.66
CA ASP H 11 -4.24 -4.16 -33.80
C ASP H 11 -4.55 -2.69 -33.57
N TYR H 12 -4.94 -2.00 -34.63
CA TYR H 12 -5.32 -0.59 -34.53
C TYR H 12 -6.49 -0.40 -33.56
N VAL H 13 -7.50 -1.25 -33.69
CA VAL H 13 -8.69 -1.14 -32.86
C VAL H 13 -8.41 -1.41 -31.39
N ILE H 14 -7.61 -2.43 -31.09
CA ILE H 14 -7.35 -2.70 -29.68
C ILE H 14 -6.39 -1.65 -29.10
N ARG H 15 -5.51 -1.10 -29.93
CA ARG H 15 -4.58 -0.09 -29.43
C ARG H 15 -5.26 1.27 -29.21
N GLN H 16 -6.29 1.57 -29.99
CA GLN H 16 -7.08 2.77 -29.74
C GLN H 16 -7.89 2.62 -28.45
N LEU H 17 -8.52 1.46 -28.27
CA LEU H 17 -9.36 1.23 -27.12
C LEU H 17 -8.55 0.84 -25.88
N GLY H 18 -7.24 0.68 -26.06
CA GLY H 18 -6.39 0.27 -24.96
C GLY H 18 -5.45 1.32 -24.39
N ARG H 19 -5.68 2.60 -24.68
CA ARG H 19 -4.84 3.66 -24.13
C ARG H 19 -5.05 3.80 -22.63
N THR H 20 -4.05 4.37 -21.94
CA THR H 20 -4.25 4.75 -20.55
C THR H 20 -5.42 5.72 -20.49
N LYS H 21 -6.41 5.40 -19.66
CA LYS H 21 -7.66 6.16 -19.65
C LYS H 21 -7.53 7.45 -18.86
N ASN H 22 -8.04 8.54 -19.43
CA ASN H 22 -8.05 9.84 -18.77
C ASN H 22 -9.19 9.99 -17.78
N LYS H 23 -10.36 9.49 -18.16
CA LYS H 23 -11.59 9.66 -17.37
C LYS H 23 -12.13 8.32 -16.86
N ARG H 24 -12.86 8.36 -15.76
CA ARG H 24 -13.34 7.14 -15.10
C ARG H 24 -14.35 6.35 -15.93
N TYR H 25 -15.24 7.04 -16.62
CA TYR H 25 -16.29 6.39 -17.41
C TYR H 25 -15.92 6.25 -18.89
N GLU H 26 -14.72 6.71 -19.25
CA GLU H 26 -14.30 6.79 -20.65
C GLU H 26 -14.26 5.43 -21.35
N ALA H 27 -13.61 4.47 -20.71
CA ALA H 27 -13.49 3.12 -21.26
C ALA H 27 -14.87 2.54 -21.57
N TYR H 28 -15.75 2.56 -20.57
CA TYR H 28 -17.07 1.97 -20.71
C TYR H 28 -17.88 2.63 -21.83
N VAL H 29 -17.98 3.95 -21.81
CA VAL H 29 -18.78 4.65 -22.79
C VAL H 29 -18.24 4.44 -24.21
N VAL H 30 -16.94 4.69 -24.40
CA VAL H 30 -16.35 4.51 -25.73
C VAL H 30 -16.50 3.08 -26.25
N SER H 31 -16.17 2.11 -25.40
CA SER H 31 -16.21 0.70 -25.81
C SER H 31 -17.64 0.30 -26.16
N ARG H 32 -18.60 0.77 -25.38
CA ARG H 32 -19.98 0.42 -25.65
C ARG H 32 -20.42 1.01 -26.98
N ILE H 33 -20.04 2.27 -27.23
CA ILE H 33 -20.36 2.92 -28.51
C ILE H 33 -19.79 2.14 -29.69
N ILE H 34 -18.51 1.82 -29.63
CA ILE H 34 -17.84 1.11 -30.72
C ILE H 34 -18.41 -0.29 -30.97
N HIS H 35 -18.67 -1.04 -29.89
CA HIS H 35 -19.13 -2.41 -30.06
C HIS H 35 -20.59 -2.49 -30.47
N LEU H 36 -21.40 -1.57 -29.97
CA LEU H 36 -22.81 -1.55 -30.32
C LEU H 36 -23.03 -1.01 -31.73
N LEU H 37 -22.21 -0.03 -32.12
CA LEU H 37 -22.25 0.51 -33.47
C LEU H 37 -21.82 -0.58 -34.46
N ASN H 38 -20.72 -1.26 -34.12
CA ASN H 38 -20.26 -2.44 -34.84
C ASN H 38 -19.98 -2.19 -36.33
N ASP H 39 -19.63 -0.95 -36.66
CA ASP H 39 -19.27 -0.61 -38.04
C ASP H 39 -17.80 -0.26 -38.11
N PHE H 40 -17.01 -1.16 -38.67
CA PHE H 40 -15.57 -0.96 -38.76
C PHE H 40 -15.12 -0.47 -40.13
N THR H 41 -16.11 -0.18 -40.98
CA THR H 41 -15.86 0.60 -42.18
C THR H 41 -15.69 2.08 -41.80
N LEU H 42 -15.99 2.40 -40.54
CA LEU H 42 -15.81 3.74 -40.00
C LEU H 42 -14.55 3.84 -39.14
N LYS H 43 -13.54 4.56 -39.62
CA LYS H 43 -12.33 4.79 -38.85
C LYS H 43 -12.67 5.63 -37.62
N PHE H 44 -12.06 5.30 -36.48
CA PHE H 44 -12.20 6.16 -35.30
C PHE H 44 -10.88 6.39 -34.57
N VAL H 45 -10.87 7.42 -33.73
CA VAL H 45 -9.68 7.80 -32.96
C VAL H 45 -10.06 8.13 -31.52
N THR H 46 -9.29 7.62 -30.57
CA THR H 46 -9.51 7.92 -29.15
C THR H 46 -8.49 8.91 -28.63
N GLN H 47 -8.94 9.77 -27.72
CA GLN H 47 -8.11 10.81 -27.12
C GLN H 47 -7.50 11.74 -28.18
N GLN H 48 -8.33 12.17 -29.13
CA GLN H 48 -7.87 13.00 -30.22
C GLN H 48 -7.60 14.43 -29.73
N PHE H 49 -6.37 14.90 -29.91
CA PHE H 49 -6.02 16.28 -29.57
C PHE H 49 -6.66 17.27 -30.56
N VAL H 50 -7.30 18.32 -30.04
CA VAL H 50 -7.88 19.36 -30.88
C VAL H 50 -7.44 20.73 -30.42
N ARG H 51 -7.54 21.73 -31.30
CA ARG H 51 -7.24 23.11 -30.88
C ARG H 51 -8.53 23.92 -30.80
N LEU H 52 -8.73 24.57 -29.65
CA LEU H 52 -9.97 25.28 -29.38
C LEU H 52 -10.04 26.62 -30.12
N SER H 53 -11.10 27.38 -29.84
CA SER H 53 -11.25 28.72 -30.36
C SER H 53 -10.07 29.57 -29.93
N ASN H 54 -9.68 29.39 -28.67
CA ASN H 54 -8.45 29.99 -28.15
C ASN H 54 -7.24 29.12 -28.54
N LYS H 55 -6.05 29.55 -28.15
CA LYS H 55 -4.84 28.80 -28.50
C LYS H 55 -4.72 27.48 -27.73
N LYS H 56 -5.59 27.26 -26.75
CA LYS H 56 -5.47 26.13 -25.83
C LYS H 56 -5.72 24.78 -26.50
N ILE H 57 -5.01 23.76 -26.02
CA ILE H 57 -5.08 22.43 -26.59
C ILE H 57 -5.98 21.52 -25.77
N ALA H 58 -7.03 21.00 -26.40
CA ALA H 58 -7.98 20.14 -25.72
C ALA H 58 -7.93 18.73 -26.30
N LEU H 59 -8.78 17.83 -25.79
CA LEU H 59 -8.90 16.49 -26.37
C LEU H 59 -10.33 15.97 -26.29
N THR H 60 -10.68 15.13 -27.25
CA THR H 60 -12.00 14.48 -27.22
C THR H 60 -11.80 12.99 -27.11
N ASP H 61 -12.78 12.31 -26.51
CA ASP H 61 -12.64 10.92 -26.14
C ASP H 61 -12.79 9.96 -27.32
N LEU H 62 -13.65 10.31 -28.27
CA LEU H 62 -13.82 9.48 -29.46
C LEU H 62 -14.01 10.35 -30.71
N TYR H 63 -13.36 10.00 -31.82
CA TYR H 63 -13.43 10.82 -33.03
C TYR H 63 -13.61 10.03 -34.32
N PHE H 64 -14.66 10.34 -35.06
CA PHE H 64 -14.88 9.79 -36.38
C PHE H 64 -14.56 10.85 -37.43
N PRO H 65 -13.39 10.71 -38.10
CA PRO H 65 -12.83 11.64 -39.09
C PRO H 65 -13.71 11.81 -40.30
N GLN H 66 -14.16 10.69 -40.84
CA GLN H 66 -14.98 10.70 -42.03
C GLN H 66 -16.25 11.51 -41.81
N LEU H 67 -16.82 11.40 -40.61
CA LEU H 67 -18.09 12.04 -40.32
C LEU H 67 -17.91 13.43 -39.72
N GLY H 68 -16.67 13.76 -39.35
CA GLY H 68 -16.41 14.99 -38.64
C GLY H 68 -17.19 15.02 -37.34
N ILE H 69 -17.26 13.89 -36.64
CA ILE H 69 -18.01 13.83 -35.39
C ILE H 69 -17.14 13.46 -34.20
N HIS H 70 -17.28 14.19 -33.09
CA HIS H 70 -16.60 13.81 -31.85
C HIS H 70 -17.60 13.39 -30.77
N ILE H 71 -17.13 12.61 -29.82
CA ILE H 71 -17.93 12.19 -28.69
C ILE H 71 -17.12 12.35 -27.41
N GLU H 72 -17.70 13.07 -26.46
CA GLU H 72 -17.05 13.38 -25.20
C GLU H 72 -17.91 12.95 -24.03
N VAL H 73 -17.30 12.39 -23.00
CA VAL H 73 -18.05 12.03 -21.79
C VAL H 73 -17.83 13.10 -20.72
N ASP H 74 -18.92 13.52 -20.07
CA ASP H 74 -18.79 14.53 -19.03
C ASP H 74 -18.93 13.89 -17.66
N GLU H 75 -17.82 13.72 -16.96
CA GLU H 75 -17.85 13.41 -15.54
C GLU H 75 -17.48 14.57 -14.63
N GLY H 76 -17.13 15.71 -15.20
CA GLY H 76 -16.81 16.88 -14.40
C GLY H 76 -15.40 16.93 -13.83
N HIS H 77 -15.21 17.80 -12.84
CA HIS H 77 -13.89 18.10 -12.26
C HIS H 77 -13.13 16.89 -11.72
N HIS H 78 -13.68 16.25 -10.69
CA HIS H 78 -12.99 15.15 -10.04
C HIS H 78 -13.06 13.88 -10.89
N PHE H 79 -12.59 12.77 -10.33
CA PHE H 79 -12.39 11.52 -11.06
C PHE H 79 -11.40 11.74 -12.20
N LEU H 80 -10.31 12.43 -11.90
CA LEU H 80 -9.26 12.69 -12.89
C LEU H 80 -8.07 11.75 -12.69
N ARG H 81 -7.75 10.98 -13.72
CA ARG H 81 -6.57 10.12 -13.70
C ARG H 81 -5.32 10.96 -13.92
N ASN H 82 -5.48 12.01 -14.73
CA ASN H 82 -4.39 12.92 -15.03
C ASN H 82 -4.65 14.30 -14.41
N SER H 83 -3.77 14.72 -13.50
CA SER H 83 -4.00 15.94 -12.72
C SER H 83 -3.77 17.21 -13.52
N LYS H 84 -3.21 17.08 -14.73
CA LYS H 84 -2.90 18.25 -15.56
C LYS H 84 -4.01 18.59 -16.55
N MET H 85 -5.13 17.89 -16.47
CA MET H 85 -6.30 18.23 -17.30
C MET H 85 -7.21 19.19 -16.57
N GLU H 86 -7.84 20.09 -17.33
CA GLU H 86 -8.68 21.13 -16.75
C GLU H 86 -10.12 21.06 -17.28
N TYR H 87 -11.07 21.51 -16.46
CA TYR H 87 -12.49 21.41 -16.80
C TYR H 87 -13.14 22.80 -16.87
N SER H 88 -13.52 23.20 -18.07
CA SER H 88 -14.06 24.55 -18.32
C SER H 88 -15.18 24.54 -19.35
N LEU H 89 -15.67 25.73 -19.70
CA LEU H 89 -16.70 25.85 -20.73
C LEU H 89 -16.19 26.67 -21.91
N ASN H 90 -16.61 26.28 -23.11
CA ASN H 90 -16.06 26.82 -24.35
C ASN H 90 -17.15 26.94 -25.42
N GLN H 91 -16.72 27.12 -26.67
CA GLN H 91 -17.64 27.37 -27.79
C GLN H 91 -18.62 26.22 -28.03
N ILE H 92 -19.69 26.53 -28.77
CA ILE H 92 -20.83 25.63 -28.95
C ILE H 92 -20.42 24.18 -29.23
N ASP H 93 -19.80 23.87 -30.36
CA ASP H 93 -19.23 22.53 -30.45
C ASP H 93 -17.73 22.64 -30.21
N GLU H 94 -17.37 22.44 -28.95
CA GLU H 94 -15.99 22.34 -28.49
C GLU H 94 -15.99 21.48 -27.24
N PRO H 95 -14.91 20.73 -27.01
CA PRO H 95 -14.80 19.88 -25.81
C PRO H 95 -14.75 20.69 -24.52
N LEU H 96 -15.07 20.06 -23.39
CA LEU H 96 -15.03 20.75 -22.12
C LEU H 96 -13.73 20.48 -21.35
N TYR H 97 -12.90 19.61 -21.90
CA TYR H 97 -11.69 19.19 -21.19
C TYR H 97 -10.43 19.66 -21.91
N SER H 98 -9.62 20.44 -21.20
CA SER H 98 -8.42 21.02 -21.81
C SER H 98 -7.13 20.54 -21.13
N ILE H 99 -6.01 20.97 -21.67
CA ILE H 99 -4.70 20.68 -21.09
C ILE H 99 -4.04 21.98 -20.67
N SER H 100 -3.35 21.96 -19.53
CA SER H 100 -2.63 23.14 -19.06
C SER H 100 -1.62 23.62 -20.10
N GLN H 101 -1.51 24.93 -20.24
CA GLN H 101 -0.68 25.55 -21.29
C GLN H 101 0.74 24.99 -21.34
N THR H 102 1.37 24.84 -20.18
CA THR H 102 2.74 24.38 -20.11
C THR H 102 2.84 22.89 -20.43
N GLU H 103 1.81 22.13 -20.05
CA GLU H 103 1.79 20.70 -20.34
C GLU H 103 1.37 20.42 -21.77
N SER H 104 0.83 21.44 -22.44
CA SER H 104 0.51 21.33 -23.86
C SER H 104 1.69 21.81 -24.70
N ASP H 105 2.71 22.36 -24.03
CA ASP H 105 3.92 22.82 -24.68
C ASP H 105 4.85 21.65 -25.03
N ALA H 106 4.72 20.55 -24.30
CA ALA H 106 5.40 19.32 -24.65
C ALA H 106 4.54 18.56 -25.66
N MET H 107 3.28 18.97 -25.76
CA MET H 107 2.33 18.33 -26.64
C MET H 107 2.27 19.01 -28.01
N ARG H 108 3.17 19.98 -28.23
CA ARG H 108 3.25 20.69 -29.51
C ARG H 108 3.29 19.73 -30.70
N GLU H 109 4.17 18.75 -30.60
CA GLU H 109 4.46 17.85 -31.72
C GLU H 109 3.33 16.89 -32.03
N GLU H 110 2.36 16.81 -31.14
CA GLU H 110 1.22 15.90 -31.29
C GLU H 110 0.37 16.32 -32.47
N ASP H 111 -0.50 15.42 -32.92
CA ASP H 111 -1.32 15.74 -34.08
C ASP H 111 -2.59 16.42 -33.60
N ILE H 112 -2.65 17.72 -33.85
CA ILE H 112 -3.69 18.57 -33.30
C ILE H 112 -4.47 19.19 -34.43
N ILE H 113 -5.78 18.96 -34.46
CA ILE H 113 -6.55 19.31 -35.62
C ILE H 113 -7.56 20.42 -35.36
N SER H 114 -8.23 20.86 -36.42
CA SER H 114 -9.22 21.91 -36.34
C SER H 114 -10.62 21.32 -36.25
N ILE H 115 -11.37 21.71 -35.23
CA ILE H 115 -12.71 21.17 -35.00
C ILE H 115 -13.85 22.02 -35.55
N THR H 116 -13.51 23.05 -36.32
CA THR H 116 -14.46 24.10 -36.72
C THR H 116 -15.84 23.61 -37.16
N GLY H 117 -15.91 22.89 -38.28
CA GLY H 117 -17.19 22.42 -38.79
C GLY H 117 -17.69 21.15 -38.14
N HIS H 118 -17.06 20.73 -37.06
CA HIS H 118 -17.33 19.42 -36.47
C HIS H 118 -18.38 19.46 -35.37
N LYS H 119 -19.23 18.45 -35.34
CA LYS H 119 -20.25 18.31 -34.31
C LYS H 119 -19.73 17.47 -33.15
N ILE H 120 -20.03 17.91 -31.93
CA ILE H 120 -19.62 17.16 -30.75
C ILE H 120 -20.83 16.72 -29.95
N PHE H 121 -20.92 15.42 -29.71
CA PHE H 121 -21.98 14.89 -28.88
C PHE H 121 -21.44 14.54 -27.50
N ARG H 122 -22.17 14.92 -26.46
CA ARG H 122 -21.76 14.61 -25.11
C ARG H 122 -22.61 13.50 -24.50
N VAL H 123 -21.93 12.56 -23.85
CA VAL H 123 -22.59 11.64 -22.95
C VAL H 123 -22.55 12.24 -21.55
N ASN H 124 -23.73 12.56 -21.00
CA ASN H 124 -23.78 13.16 -19.68
C ASN H 124 -23.92 12.04 -18.66
N VAL H 125 -22.86 11.83 -17.90
CA VAL H 125 -22.81 10.72 -16.98
C VAL H 125 -23.73 10.93 -15.77
N PHE H 126 -23.61 12.09 -15.13
CA PHE H 126 -24.32 12.35 -13.87
C PHE H 126 -25.70 12.95 -14.17
N LYS H 127 -25.74 14.14 -14.75
CA LYS H 127 -27.05 14.71 -15.10
C LYS H 127 -27.09 15.50 -16.39
N ASN H 128 -28.31 15.75 -16.88
CA ASN H 128 -28.51 16.31 -18.23
C ASN H 128 -29.38 17.57 -18.25
N GLN H 129 -29.33 18.31 -19.37
CA GLN H 129 -30.16 19.51 -19.55
C GLN H 129 -31.65 19.17 -19.36
N GLU H 130 -32.35 20.07 -18.66
CA GLU H 130 -33.69 19.91 -18.08
C GLU H 130 -33.57 19.29 -16.68
N GLY H 131 -32.36 18.84 -16.33
CA GLY H 131 -32.00 18.57 -14.94
C GLY H 131 -32.14 17.18 -14.36
N GLN H 132 -32.56 16.21 -15.18
CA GLN H 132 -32.83 14.86 -14.67
C GLN H 132 -31.59 14.06 -14.28
N PRO H 133 -31.58 13.50 -13.06
CA PRO H 133 -30.66 12.50 -12.53
C PRO H 133 -30.65 11.21 -13.32
N GLN H 134 -29.47 10.61 -13.51
CA GLN H 134 -29.29 9.44 -14.38
C GLN H 134 -28.21 8.49 -13.88
N ASN H 135 -28.39 7.20 -14.14
CA ASN H 135 -27.29 6.23 -14.12
C ASN H 135 -27.65 5.01 -14.97
N LEU H 136 -26.64 4.30 -15.46
CA LEU H 136 -26.86 3.07 -16.24
C LEU H 136 -27.77 3.27 -17.44
N GLU H 137 -29.00 2.75 -17.33
CA GLU H 137 -29.95 2.76 -18.44
C GLU H 137 -30.04 4.11 -19.15
N ASN H 138 -30.02 5.21 -18.40
CA ASN H 138 -30.07 6.52 -19.03
C ASN H 138 -28.81 6.81 -19.85
N ILE H 139 -27.66 6.46 -19.27
CA ILE H 139 -26.38 6.51 -19.97
C ILE H 139 -26.49 5.73 -21.29
N HIS H 140 -27.01 4.51 -21.17
CA HIS H 140 -27.24 3.65 -22.32
C HIS H 140 -28.10 4.30 -23.39
N GLN H 141 -29.17 4.97 -22.96
CA GLN H 141 -30.08 5.71 -23.86
C GLN H 141 -29.34 6.78 -24.62
N GLN H 142 -28.54 7.55 -23.90
CA GLN H 142 -27.70 8.57 -24.50
C GLN H 142 -26.81 7.98 -25.58
N ILE H 143 -26.10 6.92 -25.21
CA ILE H 143 -25.20 6.22 -26.13
C ILE H 143 -25.94 5.77 -27.40
N ASP H 144 -27.12 5.19 -27.22
CA ASP H 144 -27.94 4.70 -28.34
C ASP H 144 -28.35 5.83 -29.28
N LYS H 145 -28.79 6.95 -28.70
CA LYS H 145 -29.10 8.14 -29.49
C LYS H 145 -27.90 8.54 -30.34
N ILE H 146 -26.74 8.64 -29.67
CA ILE H 146 -25.49 8.99 -30.34
C ILE H 146 -25.18 8.07 -31.52
N ILE H 147 -25.28 6.76 -31.28
CA ILE H 147 -25.09 5.77 -32.32
C ILE H 147 -25.99 6.06 -33.52
N GLU H 148 -27.26 6.31 -33.24
CA GLU H 148 -28.22 6.65 -34.30
C GLU H 148 -27.75 7.88 -35.09
N GLU H 149 -27.34 8.93 -34.37
CA GLU H 149 -26.82 10.14 -35.00
C GLU H 149 -25.68 9.83 -35.96
N ILE H 150 -24.73 9.03 -35.48
CA ILE H 150 -23.60 8.59 -36.28
C ILE H 150 -24.04 7.90 -37.57
N LYS H 151 -24.95 6.94 -37.44
CA LYS H 151 -25.47 6.22 -38.60
C LYS H 151 -26.13 7.17 -39.61
N THR H 152 -27.02 8.05 -39.12
CA THR H 152 -27.73 8.96 -40.01
C THR H 152 -26.76 9.92 -40.71
N ALA H 153 -25.69 10.27 -40.02
CA ALA H 153 -24.61 11.06 -40.59
C ALA H 153 -23.95 10.32 -41.74
N LYS H 154 -23.51 9.09 -41.47
CA LYS H 154 -22.89 8.26 -42.50
C LYS H 154 -23.79 8.11 -43.72
N ASN H 155 -25.07 7.80 -43.49
CA ASN H 155 -26.02 7.64 -44.59
C ASN H 155 -26.16 8.93 -45.39
N LYS H 156 -26.26 10.04 -44.66
CA LYS H 156 -26.35 11.36 -45.27
C LYS H 156 -25.17 11.58 -46.23
N LEU H 157 -23.97 11.20 -45.80
CA LEU H 157 -22.79 11.36 -46.66
C LEU H 157 -22.74 10.33 -47.80
N ILE H 158 -23.29 9.15 -47.57
CA ILE H 158 -23.19 8.05 -48.53
C ILE H 158 -24.20 8.20 -49.65
N GLU H 159 -25.27 8.96 -49.39
CA GLU H 159 -26.27 9.23 -50.40
C GLU H 159 -25.79 10.35 -51.33
N ALA H 160 -24.99 11.26 -50.77
CA ALA H 160 -24.40 12.33 -51.56
C ALA H 160 -23.15 11.82 -52.26
N SER H 161 -22.84 10.54 -52.02
CA SER H 161 -21.67 9.87 -52.60
C SER H 161 -20.37 10.57 -52.21
N THR H 162 -20.40 11.26 -51.07
CA THR H 162 -19.20 11.93 -50.55
C THR H 162 -18.46 11.03 -49.57
N PHE H 163 -19.05 9.89 -49.26
CA PHE H 163 -18.46 8.96 -48.30
C PHE H 163 -17.41 8.08 -48.96
N LYS H 164 -16.32 7.82 -48.25
CA LYS H 164 -15.25 6.95 -48.76
C LYS H 164 -14.80 5.97 -47.69
N GLU H 165 -14.94 4.68 -47.98
CA GLU H 165 -14.71 3.64 -46.97
C GLU H 165 -13.26 3.61 -46.51
N TRP H 166 -13.06 3.08 -45.31
CA TRP H 166 -11.74 3.05 -44.70
C TRP H 166 -11.00 1.76 -45.02
N ASN H 167 -9.82 1.89 -45.60
CA ASN H 167 -8.95 0.74 -45.79
C ASN H 167 -7.55 1.03 -45.28
N ILE H 168 -7.14 0.27 -44.28
CA ILE H 168 -5.90 0.53 -43.55
C ILE H 168 -4.65 0.24 -44.37
N GLU H 169 -4.74 -0.68 -45.32
CA GLU H 169 -3.55 -1.09 -46.08
C GLU H 169 -3.16 -0.05 -47.13
N THR H 170 -4.13 0.44 -47.88
CA THR H 170 -3.87 1.40 -48.94
C THR H 170 -3.77 2.85 -48.48
N GLU H 171 -4.34 3.17 -47.31
CA GLU H 171 -4.52 4.57 -46.92
C GLU H 171 -3.19 5.32 -46.71
N TYR H 172 -2.13 4.61 -46.39
CA TYR H 172 -0.81 5.24 -46.26
C TYR H 172 0.00 5.10 -47.55
N ASN H 173 -0.56 4.39 -48.53
CA ASN H 173 0.15 4.13 -49.78
C ASN H 173 -0.08 5.23 -50.83
N PRO H 174 1.01 5.88 -51.26
CA PRO H 174 0.95 6.97 -52.25
C PRO H 174 0.25 6.55 -53.55
N GLN H 175 0.30 5.27 -53.87
CA GLN H 175 -0.25 4.78 -55.13
C GLN H 175 -1.75 5.01 -55.23
N THR H 176 -2.48 4.74 -54.15
CA THR H 176 -3.94 4.92 -54.17
C THR H 176 -4.27 6.39 -54.41
N TYR H 177 -3.42 7.29 -53.89
CA TYR H 177 -3.66 8.71 -54.00
C TYR H 177 -3.30 9.24 -55.38
N ILE H 178 -2.23 8.74 -55.97
CA ILE H 178 -1.91 9.13 -57.34
C ILE H 178 -2.97 8.56 -58.27
N ASP H 179 -3.65 7.52 -57.80
CA ASP H 179 -4.71 6.89 -58.59
C ASP H 179 -6.06 7.61 -58.54
N LEU H 180 -6.48 8.05 -57.35
CA LEU H 180 -7.79 8.67 -57.23
C LEU H 180 -7.77 10.13 -57.69
N GLY H 181 -6.57 10.68 -57.83
CA GLY H 181 -6.40 11.98 -58.47
C GLY H 181 -6.35 13.20 -57.58
N ARG H 182 -6.88 13.10 -56.36
CA ARG H 182 -6.95 14.27 -55.49
C ARG H 182 -6.65 13.98 -54.03
N ILE H 183 -5.81 14.83 -53.43
CA ILE H 183 -5.58 14.80 -51.99
C ILE H 183 -6.36 15.93 -51.34
N SER H 184 -7.22 15.59 -50.39
CA SER H 184 -8.10 16.58 -49.78
C SER H 184 -8.30 16.37 -48.29
N LEU H 185 -8.74 17.42 -47.61
CA LEU H 185 -9.00 17.39 -46.17
C LEU H 185 -10.16 16.46 -45.83
N ALA H 186 -11.06 16.26 -46.79
CA ALA H 186 -12.22 15.41 -46.60
C ALA H 186 -11.82 13.96 -46.37
N ASP H 187 -10.69 13.56 -46.95
CA ASP H 187 -10.23 12.18 -46.85
C ASP H 187 -9.32 11.94 -45.63
N ASN H 188 -8.98 13.02 -44.92
CA ASN H 188 -8.09 12.95 -43.76
C ASN H 188 -6.81 12.21 -44.08
N VAL H 189 -5.96 12.83 -44.90
CA VAL H 189 -4.79 12.14 -45.41
C VAL H 189 -3.50 12.55 -44.68
N VAL H 190 -2.84 11.56 -44.09
CA VAL H 190 -1.54 11.74 -43.47
C VAL H 190 -0.66 10.54 -43.85
N LEU H 191 0.54 10.82 -44.35
CA LEU H 191 1.42 9.73 -44.80
C LEU H 191 2.53 9.46 -43.79
N LYS H 192 3.34 8.44 -44.07
CA LYS H 192 4.37 7.99 -43.15
C LYS H 192 5.66 8.81 -43.22
N THR H 193 5.94 9.39 -44.39
CA THR H 193 7.19 10.11 -44.58
C THR H 193 7.12 11.16 -45.69
N THR H 194 8.23 11.87 -45.88
CA THR H 194 8.33 12.93 -46.87
C THR H 194 8.52 12.39 -48.28
N LYS H 195 9.25 11.27 -48.38
CA LYS H 195 9.49 10.64 -49.67
C LYS H 195 8.16 10.18 -50.28
N ASP H 196 7.22 9.76 -49.44
CA ASP H 196 5.91 9.31 -49.91
C ASP H 196 5.10 10.44 -50.52
N VAL H 197 4.94 11.51 -49.74
CA VAL H 197 4.14 12.65 -50.17
C VAL H 197 4.77 13.29 -51.39
N CYS H 198 6.09 13.27 -51.46
CA CYS H 198 6.77 13.77 -52.66
C CYS H 198 6.52 12.85 -53.85
N ASN H 199 6.59 11.54 -53.64
CA ASN H 199 6.35 10.58 -54.73
C ASN H 199 4.91 10.66 -55.24
N CYS H 200 4.02 11.22 -54.43
CA CYS H 200 2.64 11.46 -54.83
C CYS H 200 2.54 12.50 -55.94
N PHE H 201 3.46 13.46 -55.93
CA PHE H 201 3.46 14.54 -56.89
C PHE H 201 4.38 14.30 -58.09
N GLY H 202 4.92 13.08 -58.20
CA GLY H 202 5.75 12.72 -59.34
C GLY H 202 7.22 12.49 -59.11
N TYR H 203 7.71 12.77 -57.90
CA TYR H 203 9.09 12.43 -57.57
C TYR H 203 9.28 10.93 -57.44
N SER H 204 10.50 10.48 -57.71
CA SER H 204 10.87 9.07 -57.64
C SER H 204 11.60 8.70 -56.35
N TYR H 205 11.74 9.66 -55.44
CA TYR H 205 12.68 9.58 -54.31
C TYR H 205 12.63 8.29 -53.49
N LYS H 206 13.80 7.72 -53.26
CA LYS H 206 13.96 6.61 -52.32
C LYS H 206 14.04 7.13 -50.88
N ASN H 207 14.76 8.23 -50.69
CA ASN H 207 14.84 8.91 -49.39
C ASN H 207 14.87 10.43 -49.56
N TYR H 208 14.12 11.15 -48.73
CA TYR H 208 14.07 12.60 -48.81
C TYR H 208 14.22 13.27 -47.44
N GLN H 209 15.29 14.04 -47.28
CA GLN H 209 15.62 14.66 -45.99
C GLN H 209 15.28 16.14 -45.78
N ARG H 210 14.72 16.82 -46.79
CA ARG H 210 14.74 18.29 -46.79
C ARG H 210 13.42 18.98 -46.42
N GLY H 211 13.54 20.17 -45.82
CA GLY H 211 12.41 20.95 -45.37
C GLY H 211 11.39 21.34 -46.42
N GLY H 212 11.79 21.38 -47.68
CA GLY H 212 10.88 21.70 -48.76
C GLY H 212 11.28 21.09 -50.09
N ALA H 213 10.29 20.89 -50.95
CA ALA H 213 10.48 20.25 -52.25
C ALA H 213 9.80 21.04 -53.36
N LEU H 214 10.58 21.41 -54.38
CA LEU H 214 10.03 22.13 -55.52
C LEU H 214 9.14 21.19 -56.32
N HIS H 215 7.92 21.64 -56.59
CA HIS H 215 6.93 20.83 -57.31
C HIS H 215 7.36 20.58 -58.75
N PRO H 216 7.41 19.30 -59.15
CA PRO H 216 7.75 18.93 -60.54
C PRO H 216 6.79 19.50 -61.59
N TYR H 217 5.48 19.42 -61.34
CA TYR H 217 4.49 19.73 -62.38
C TYR H 217 3.95 21.17 -62.33
N LYS H 218 4.34 21.92 -61.30
CA LYS H 218 4.04 23.35 -61.23
C LYS H 218 5.25 24.11 -60.68
N LYS H 219 5.67 25.16 -61.38
CA LYS H 219 6.85 25.91 -60.96
C LYS H 219 6.47 26.96 -59.90
N ASP H 220 5.18 27.24 -59.77
CA ASP H 220 4.73 28.26 -58.83
C ASP H 220 4.39 27.68 -57.44
N THR H 221 4.36 26.36 -57.33
CA THR H 221 4.02 25.72 -56.06
C THR H 221 5.25 25.13 -55.37
N LEU H 222 5.23 25.13 -54.04
CA LEU H 222 6.30 24.54 -53.25
C LEU H 222 5.75 23.60 -52.17
N ILE H 223 6.12 22.33 -52.26
CA ILE H 223 5.72 21.36 -51.24
C ILE H 223 6.50 21.62 -49.97
N TRP H 224 5.80 21.73 -48.84
CA TRP H 224 6.43 22.16 -47.60
C TRP H 224 6.13 21.21 -46.45
N PHE H 225 7.15 20.93 -45.64
CA PHE H 225 6.99 20.02 -44.50
C PHE H 225 7.33 20.71 -43.17
N PRO H 226 6.51 21.69 -42.76
CA PRO H 226 6.79 22.49 -41.56
C PRO H 226 6.40 21.84 -40.23
N ARG H 227 7.06 22.25 -39.16
CA ARG H 227 6.53 22.06 -37.82
C ARG H 227 5.70 23.30 -37.50
N LEU H 228 4.42 23.11 -37.22
CA LEU H 228 3.48 24.22 -37.10
C LEU H 228 3.48 24.77 -35.67
N TYR H 229 4.43 24.28 -34.88
CA TYR H 229 4.69 24.82 -33.55
C TYR H 229 6.05 25.49 -33.52
N GLU H 230 6.46 25.96 -32.34
CA GLU H 230 7.77 26.58 -32.20
C GLU H 230 8.83 25.56 -31.80
N ASN H 231 9.96 25.59 -32.51
CA ASN H 231 11.13 24.80 -32.15
C ASN H 231 12.36 25.72 -32.13
N LYS H 232 13.53 25.13 -31.98
CA LYS H 232 14.78 25.90 -31.91
C LYS H 232 14.98 26.84 -33.11
N ASP H 233 14.74 26.34 -34.32
CA ASP H 233 15.00 27.10 -35.54
C ASP H 233 13.88 28.08 -35.91
N TRP H 234 12.63 27.65 -35.78
CA TRP H 234 11.49 28.43 -36.31
C TRP H 234 10.37 28.65 -35.29
N ILE H 235 9.67 29.77 -35.44
CA ILE H 235 8.42 29.98 -34.72
C ILE H 235 7.26 29.99 -35.71
N ASN H 236 6.48 28.91 -35.70
CA ASN H 236 5.40 28.74 -36.65
C ASN H 236 4.08 28.54 -35.94
N THR H 237 3.01 29.12 -36.48
CA THR H 237 1.68 28.94 -35.91
C THR H 237 0.66 28.63 -36.98
N ILE H 238 -0.46 28.04 -36.57
CA ILE H 238 -1.59 27.87 -37.46
C ILE H 238 -2.89 28.14 -36.70
N SER H 239 -3.76 28.93 -37.31
CA SER H 239 -5.01 29.35 -36.67
C SER H 239 -5.92 28.16 -36.40
N PRO H 240 -6.73 28.24 -35.34
CA PRO H 240 -7.70 27.19 -34.97
C PRO H 240 -8.66 26.80 -36.09
N ASP H 241 -8.92 27.70 -37.04
CA ASP H 241 -9.78 27.34 -38.17
C ASP H 241 -8.96 26.68 -39.29
N GLY H 242 -7.64 26.73 -39.14
CA GLY H 242 -6.73 26.15 -40.12
C GLY H 242 -6.52 27.03 -41.33
N LEU H 243 -7.06 28.24 -41.28
CA LEU H 243 -7.01 29.14 -42.43
C LEU H 243 -5.76 30.02 -42.49
N THR H 244 -5.03 30.14 -41.39
CA THR H 244 -3.91 31.08 -41.36
C THR H 244 -2.64 30.50 -40.73
N ILE H 245 -1.59 30.43 -41.53
CA ILE H 245 -0.29 29.95 -41.06
C ILE H 245 0.72 31.09 -41.00
N THR H 246 1.34 31.27 -39.83
CA THR H 246 2.35 32.32 -39.69
C THR H 246 3.74 31.72 -39.51
N GLU H 247 4.70 32.30 -40.22
CA GLU H 247 6.06 31.80 -40.24
C GLU H 247 7.05 32.90 -39.83
N LYS H 248 7.75 32.65 -38.73
CA LYS H 248 8.78 33.55 -38.23
C LYS H 248 10.00 32.73 -37.82
N SER H 249 11.13 33.39 -37.57
CA SER H 249 12.35 32.70 -37.18
C SER H 249 12.77 33.09 -35.77
N THR H 250 13.54 32.21 -35.12
CA THR H 250 14.06 32.50 -33.79
C THR H 250 14.92 33.75 -33.79
N ASP H 251 15.74 33.90 -34.82
CA ASP H 251 16.56 35.08 -35.00
C ASP H 251 15.90 36.05 -35.98
N GLU H 252 16.04 37.34 -35.74
CA GLU H 252 15.45 38.35 -36.60
C GLU H 252 16.21 38.53 -37.92
N THR H 253 17.53 38.35 -37.86
CA THR H 253 18.36 38.45 -39.05
C THR H 253 17.91 37.46 -40.12
N ILE H 254 17.60 36.25 -39.68
CA ILE H 254 17.12 35.20 -40.57
C ILE H 254 15.77 35.58 -41.17
N THR H 255 14.91 36.21 -40.37
CA THR H 255 13.59 36.65 -40.82
C THR H 255 13.71 37.69 -41.93
N LEU H 256 14.48 38.73 -41.66
CA LEU H 256 14.72 39.80 -42.64
C LEU H 256 15.35 39.27 -43.92
N LYS H 257 16.30 38.35 -43.79
CA LYS H 257 16.95 37.81 -44.98
C LYS H 257 16.06 36.79 -45.69
N LYS H 258 15.00 36.33 -45.03
CA LYS H 258 14.02 35.45 -45.67
C LYS H 258 12.83 36.22 -46.26
N LEU H 259 12.74 37.50 -45.94
CA LEU H 259 11.64 38.34 -46.43
C LEU H 259 11.64 38.50 -47.95
N GLU H 260 12.82 38.77 -48.50
CA GLU H 260 12.96 38.93 -49.94
C GLU H 260 12.68 37.62 -50.66
N GLU H 261 13.17 36.53 -50.07
CA GLU H 261 12.92 35.19 -50.60
C GLU H 261 11.44 34.86 -50.59
N TRP H 262 10.72 35.40 -49.59
CA TRP H 262 9.29 35.19 -49.51
C TRP H 262 8.54 35.99 -50.57
N LYS H 263 8.85 37.28 -50.69
CA LYS H 263 8.13 38.12 -51.62
C LYS H 263 8.43 37.73 -53.09
N ASN H 264 9.66 37.34 -53.37
CA ASN H 264 10.02 36.98 -54.74
C ASN H 264 10.02 35.47 -55.04
N GLY H 265 9.75 34.65 -54.03
CA GLY H 265 9.74 33.21 -54.22
C GLY H 265 8.41 32.70 -54.72
N PRO H 266 8.30 31.38 -54.94
CA PRO H 266 7.01 30.81 -55.36
C PRO H 266 5.96 31.09 -54.30
N GLN H 267 4.83 31.65 -54.72
CA GLN H 267 3.91 32.30 -53.80
C GLN H 267 2.80 31.38 -53.29
N LYS H 268 2.84 30.11 -53.66
CA LYS H 268 1.89 29.15 -53.10
C LYS H 268 2.58 27.85 -52.68
N ARG H 269 2.18 27.33 -51.53
CA ARG H 269 2.79 26.12 -50.95
C ARG H 269 1.75 25.05 -50.61
N ILE H 270 2.12 23.80 -50.90
CA ILE H 270 1.32 22.66 -50.49
C ILE H 270 1.82 22.14 -49.14
N VAL H 271 1.00 22.29 -48.09
CA VAL H 271 1.50 22.03 -46.75
C VAL H 271 1.20 20.62 -46.22
N PHE H 272 2.26 19.90 -45.87
CA PHE H 272 2.11 18.69 -45.05
C PHE H 272 2.84 18.88 -43.73
N ALA H 273 2.09 19.04 -42.65
CA ALA H 273 2.68 19.39 -41.35
C ALA H 273 3.26 18.18 -40.65
N ARG H 274 4.28 18.40 -39.82
CA ARG H 274 4.92 17.29 -39.13
C ARG H 274 4.30 17.07 -37.76
N VAL H 275 3.59 15.96 -37.65
CA VAL H 275 2.87 15.62 -36.43
C VAL H 275 3.21 14.20 -35.99
N LYS H 276 3.21 13.95 -34.67
CA LYS H 276 3.43 12.60 -34.17
C LYS H 276 2.22 11.73 -34.43
N ASP H 277 2.45 10.45 -34.68
CA ASP H 277 1.35 9.49 -34.79
C ASP H 277 0.67 9.38 -33.44
N ASN H 278 -0.65 9.22 -33.43
CA ASN H 278 -1.37 9.13 -32.15
C ASN H 278 -1.04 7.81 -31.48
N LEU H 279 -0.74 6.80 -32.29
CA LEU H 279 -0.18 5.54 -31.82
C LEU H 279 1.29 5.44 -32.24
N SER H 280 2.17 5.20 -31.26
CA SER H 280 3.63 5.01 -31.44
C SER H 280 4.46 6.30 -31.51
N SER H 281 3.83 7.45 -31.66
CA SER H 281 4.52 8.76 -31.67
C SER H 281 5.66 8.86 -32.69
N ARG H 282 5.53 8.15 -33.81
CA ARG H 282 6.48 8.31 -34.91
C ARG H 282 6.10 9.58 -35.66
N ALA H 283 7.08 10.19 -36.33
CA ALA H 283 6.81 11.37 -37.13
C ALA H 283 6.01 11.00 -38.36
N MET H 284 4.93 11.72 -38.60
CA MET H 284 4.11 11.52 -39.78
C MET H 284 3.73 12.88 -40.35
N TYR H 285 3.19 12.91 -41.57
CA TYR H 285 2.93 14.18 -42.22
C TYR H 285 1.50 14.29 -42.72
N ARG H 286 0.75 15.19 -42.08
CA ARG H 286 -0.67 15.38 -42.36
C ARG H 286 -0.87 16.55 -43.31
N PHE H 287 -1.80 16.38 -44.25
CA PHE H 287 -2.07 17.42 -45.24
C PHE H 287 -2.96 18.51 -44.65
N MET H 288 -2.41 19.72 -44.55
CA MET H 288 -3.16 20.88 -44.08
C MET H 288 -3.97 21.56 -45.17
N GLY H 289 -3.36 21.72 -46.34
CA GLY H 289 -4.01 22.40 -47.44
C GLY H 289 -3.06 23.08 -48.42
N LEU H 290 -3.66 23.66 -49.46
CA LEU H 290 -2.95 24.50 -50.40
C LEU H 290 -3.09 25.96 -49.98
N TYR H 291 -1.96 26.52 -49.54
CA TYR H 291 -1.92 27.87 -49.00
C TYR H 291 -1.24 28.83 -49.97
N GLU H 292 -1.78 30.03 -50.09
CA GLU H 292 -1.20 31.06 -50.96
C GLU H 292 -0.57 32.15 -50.11
N PHE H 293 0.64 32.58 -50.48
CA PHE H 293 1.28 33.67 -49.75
C PHE H 293 0.40 34.90 -49.81
N GLN H 294 0.32 35.60 -48.69
CA GLN H 294 -0.46 36.80 -48.58
C GLN H 294 0.42 37.99 -48.22
N LYS H 295 1.04 37.94 -47.03
CA LYS H 295 1.67 39.14 -46.51
C LYS H 295 2.95 38.85 -45.74
N ALA H 296 3.86 39.81 -45.65
CA ALA H 296 5.01 39.67 -44.77
C ALA H 296 5.39 41.02 -44.16
N ASP H 297 6.01 40.95 -42.97
CA ASP H 297 6.65 42.08 -42.30
C ASP H 297 7.63 41.48 -41.28
N LEU H 298 8.55 42.31 -40.78
CA LEU H 298 9.45 41.89 -39.71
C LEU H 298 8.65 41.58 -38.45
N LYS H 299 7.89 42.58 -38.03
CA LYS H 299 7.26 42.64 -36.72
C LYS H 299 6.52 41.34 -36.37
N ASP H 300 5.56 40.88 -37.17
CA ASP H 300 5.01 39.53 -36.92
C ASP H 300 5.41 38.40 -37.89
N GLY H 301 6.18 38.72 -38.93
CA GLY H 301 6.64 37.68 -39.84
C GLY H 301 5.84 37.47 -41.13
N ALA H 302 5.90 36.25 -41.66
CA ALA H 302 5.19 35.90 -42.88
C ALA H 302 3.80 35.31 -42.61
N VAL H 303 2.85 35.61 -43.49
CA VAL H 303 1.46 35.18 -43.36
C VAL H 303 0.89 34.52 -44.63
N TRP H 304 0.51 33.26 -44.46
CA TRP H 304 -0.07 32.41 -45.50
C TRP H 304 -1.54 32.13 -45.24
N LYS H 305 -2.37 32.35 -46.26
CA LYS H 305 -3.81 32.09 -46.18
C LYS H 305 -4.16 30.84 -47.00
N ARG H 306 -5.09 30.01 -46.50
CA ARG H 306 -5.44 28.81 -47.25
C ARG H 306 -6.40 29.13 -48.38
N VAL H 307 -5.92 28.95 -49.62
CA VAL H 307 -6.74 29.20 -50.78
C VAL H 307 -7.60 27.98 -51.13
N LYS H 308 -7.03 26.78 -51.04
CA LYS H 308 -7.78 25.61 -51.48
C LYS H 308 -7.50 24.39 -50.59
N SER H 309 -8.50 23.53 -50.43
CA SER H 309 -8.36 22.32 -49.64
C SER H 309 -8.13 21.05 -50.47
N GLU H 310 -8.13 21.16 -51.79
CA GLU H 310 -7.95 20.00 -52.66
C GLU H 310 -6.79 20.18 -53.63
N VAL H 311 -5.77 19.35 -53.51
CA VAL H 311 -4.67 19.42 -54.46
C VAL H 311 -4.66 18.23 -55.42
N GLN H 312 -4.30 18.50 -56.67
CA GLN H 312 -4.18 17.47 -57.68
C GLN H 312 -2.89 16.68 -57.47
N THR H 313 -2.94 15.39 -57.74
CA THR H 313 -1.75 14.55 -57.65
C THR H 313 -1.21 14.25 -59.04
N TYR H 314 -0.07 13.56 -59.12
CA TYR H 314 0.55 13.22 -60.41
C TYR H 314 1.37 11.94 -60.35
N SER H 315 1.47 11.27 -61.49
CA SER H 315 2.29 10.07 -61.60
C SER H 315 3.76 10.46 -61.76
N PRO H 316 4.68 9.61 -61.28
CA PRO H 316 6.12 9.86 -61.39
C PRO H 316 6.57 10.08 -62.82
N LYS H 317 7.58 10.93 -63.00
CA LYS H 317 8.02 11.30 -64.35
C LYS H 317 9.48 10.92 -64.60
#